data_5W6A
#
_entry.id   5W6A
#
_cell.length_a   46.191
_cell.length_b   136.950
_cell.length_c   70.961
_cell.angle_alpha   90.00
_cell.angle_beta   107.06
_cell.angle_gamma   90.00
#
_symmetry.space_group_name_H-M   'P 1 21 1'
#
loop_
_entity.id
_entity.type
_entity.pdbx_description
1 polymer 'HLA class I histocompatibility antigen, Cw-6 alpha chain'
2 polymer Beta-2-microglobulin
3 polymer ALA-ARG-THR-GLU-LEU-TYR-ARG-SER-LEU
4 water water
#
loop_
_entity_poly.entity_id
_entity_poly.type
_entity_poly.pdbx_seq_one_letter_code
_entity_poly.pdbx_strand_id
1 'polypeptide(L)'
;CSHSMRYFDTAVSRPGRGEPRFISVGYVDDTQFVRFDSDAASPRGEPRAPWVEQEGPEYWDRETQKYKRQAQADRVNLRK
LRGYYNQSEDGSHTLQWMYGCDLGPDGRLLRGYDQSAYDGKDYIALNEDLRSWTAADTAAQITQRKWEAAREAEQWRAYL
EGTCVEWLRRYLENGKETLQRAEHPKTHVTHHPVSDHEATLRCWALGFYPAEITLTWQRDGEDQTQDTELVETRPAGDGT
FQKWAAVVVPSGEEQRYTCHVQHEGLPEPLTLRWEP
;
A,C
2 'polypeptide(L)'
;MIQRTPKIQVYSRHPAENGKSNFLNCYVSGFHPSDIEVDLLKNGERIEKVEHSDLSFSKDWSFYLLYYTEFTPTEKDEYA
CRVNHVTLSQPKIVKWDRDM
;
B,D
3 'polypeptide(L)' ARTELYRSL E,F
#
# COMPACT_ATOMS: atom_id res chain seq x y z
N SER A 2 26.61 4.28 -0.73
CA SER A 2 26.78 5.48 -1.52
C SER A 2 25.69 5.65 -2.56
N HIS A 3 25.30 6.94 -2.81
CA HIS A 3 24.43 7.22 -3.92
C HIS A 3 25.14 7.01 -5.26
N SER A 4 24.38 6.60 -6.25
CA SER A 4 24.89 6.23 -7.51
C SER A 4 23.98 6.62 -8.63
N MET A 5 24.54 6.94 -9.80
CA MET A 5 23.79 7.10 -11.01
C MET A 5 24.29 6.07 -11.98
N ARG A 6 23.42 5.31 -12.64
CA ARG A 6 23.83 4.31 -13.55
C ARG A 6 22.97 4.30 -14.77
N TYR A 7 23.56 4.15 -15.92
CA TYR A 7 22.86 3.87 -17.16
C TYR A 7 23.07 2.43 -17.63
N PHE A 8 21.97 1.79 -18.13
CA PHE A 8 21.99 0.40 -18.57
C PHE A 8 21.49 0.40 -20.01
N ASP A 9 22.33 0.05 -20.93
CA ASP A 9 22.00 0.14 -22.36
C ASP A 9 22.03 -1.26 -22.94
N THR A 10 21.02 -1.61 -23.73
CA THR A 10 20.97 -2.91 -24.36
C THR A 10 20.68 -2.74 -25.83
N ALA A 11 21.55 -3.23 -26.68
CA ALA A 11 21.32 -3.25 -28.08
C ALA A 11 21.23 -4.73 -28.60
N VAL A 12 20.21 -5.06 -29.42
CA VAL A 12 19.95 -6.44 -29.77
C VAL A 12 19.72 -6.52 -31.27
N SER A 13 20.49 -7.31 -31.97
CA SER A 13 20.26 -7.49 -33.39
C SER A 13 19.16 -8.50 -33.58
N ARG A 14 18.52 -8.39 -34.67
CA ARG A 14 17.36 -9.24 -35.03
C ARG A 14 17.26 -9.43 -36.51
N PRO A 15 18.24 -10.11 -37.09
CA PRO A 15 18.29 -10.22 -38.55
C PRO A 15 17.00 -10.85 -39.14
N GLY A 16 16.48 -10.16 -40.15
CA GLY A 16 15.25 -10.51 -40.79
C GLY A 16 14.04 -9.87 -40.14
N ARG A 17 14.19 -9.24 -38.98
CA ARG A 17 13.11 -8.54 -38.21
C ARG A 17 13.42 -7.05 -38.00
N GLY A 18 14.10 -6.45 -38.99
CA GLY A 18 14.42 -5.02 -38.96
C GLY A 18 15.81 -4.79 -38.39
N GLU A 19 16.09 -3.55 -38.06
CA GLU A 19 17.42 -3.18 -37.60
C GLU A 19 17.46 -3.38 -36.08
N PRO A 20 18.63 -3.30 -35.49
CA PRO A 20 18.68 -3.61 -34.10
C PRO A 20 17.91 -2.63 -33.21
N ARG A 21 17.36 -3.13 -32.15
CA ARG A 21 16.69 -2.34 -31.17
C ARG A 21 17.65 -1.94 -30.10
N PHE A 22 17.59 -0.66 -29.73
CA PHE A 22 18.35 -0.12 -28.65
C PHE A 22 17.35 0.35 -27.54
N ILE A 23 17.61 -0.11 -26.32
CA ILE A 23 16.88 0.31 -25.18
C ILE A 23 17.83 0.81 -24.13
N SER A 24 17.45 1.89 -23.44
CA SER A 24 18.34 2.39 -22.38
C SER A 24 17.46 2.78 -21.19
N VAL A 25 17.94 2.54 -19.99
CA VAL A 25 17.30 3.07 -18.81
C VAL A 25 18.36 3.69 -17.91
N GLY A 26 17.97 4.68 -17.15
CA GLY A 26 18.85 5.28 -16.19
C GLY A 26 18.27 5.29 -14.80
N TYR A 27 19.10 5.06 -13.76
CA TYR A 27 18.74 5.01 -12.38
C TYR A 27 19.54 5.91 -11.50
N VAL A 28 18.92 6.47 -10.49
CA VAL A 28 19.64 7.00 -9.33
C VAL A 28 19.31 5.99 -8.23
N ASP A 29 20.35 5.40 -7.63
CA ASP A 29 20.13 4.36 -6.59
C ASP A 29 19.14 3.29 -7.23
N ASP A 30 18.07 3.01 -6.50
CA ASP A 30 17.15 1.97 -6.97
C ASP A 30 15.98 2.60 -7.68
N THR A 31 16.04 3.85 -8.06
CA THR A 31 14.93 4.52 -8.76
C THR A 31 15.23 4.77 -10.17
N GLN A 32 14.42 4.25 -11.08
CA GLN A 32 14.57 4.60 -12.47
C GLN A 32 14.07 5.99 -12.71
N PHE A 33 14.81 6.74 -13.55
CA PHE A 33 14.37 8.07 -13.91
C PHE A 33 14.16 8.37 -15.41
N VAL A 34 14.73 7.54 -16.25
CA VAL A 34 14.60 7.77 -17.64
C VAL A 34 14.64 6.50 -18.46
N ARG A 35 13.98 6.51 -19.61
CA ARG A 35 14.09 5.46 -20.57
C ARG A 35 14.25 5.96 -21.98
N PHE A 36 14.73 5.16 -22.86
CA PHE A 36 14.73 5.42 -24.30
C PHE A 36 14.57 4.11 -25.02
N ASP A 37 13.69 4.07 -25.97
CA ASP A 37 13.51 2.83 -26.76
C ASP A 37 13.47 3.16 -28.29
N SER A 38 14.40 2.63 -29.04
CA SER A 38 14.52 2.97 -30.44
C SER A 38 13.34 2.49 -31.31
N ASP A 39 12.55 1.54 -30.80
CA ASP A 39 11.37 1.06 -31.47
C ASP A 39 10.09 1.86 -31.24
N ALA A 40 10.09 2.80 -30.29
CA ALA A 40 8.94 3.67 -30.07
C ALA A 40 8.62 4.44 -31.31
N ALA A 41 7.35 4.80 -31.46
CA ALA A 41 6.90 5.57 -32.57
C ALA A 41 7.73 6.80 -32.86
N SER A 42 8.02 7.61 -31.84
CA SER A 42 8.91 8.79 -32.13
C SER A 42 9.91 8.82 -30.99
N PRO A 43 11.01 8.04 -31.07
CA PRO A 43 11.86 7.75 -29.95
C PRO A 43 12.41 9.08 -29.29
N ARG A 44 12.24 9.12 -27.99
CA ARG A 44 12.64 10.31 -27.16
C ARG A 44 13.13 9.80 -25.87
N GLY A 45 14.10 10.47 -25.18
CA GLY A 45 14.29 10.19 -23.83
C GLY A 45 13.09 10.65 -23.04
N GLU A 46 12.58 9.74 -22.22
CA GLU A 46 11.35 9.99 -21.48
C GLU A 46 11.52 9.92 -19.99
N PRO A 47 10.94 10.85 -19.22
CA PRO A 47 11.04 10.79 -17.79
C PRO A 47 10.30 9.54 -17.23
N ARG A 48 10.88 8.99 -16.18
CA ARG A 48 10.22 7.98 -15.38
C ARG A 48 10.14 8.25 -13.88
N ALA A 49 10.65 9.40 -13.42
CA ALA A 49 10.53 9.86 -12.05
C ALA A 49 10.12 11.30 -12.09
N PRO A 50 9.40 11.79 -11.06
CA PRO A 50 8.84 13.13 -11.09
C PRO A 50 9.92 14.25 -10.97
N TRP A 51 11.01 13.90 -10.34
CA TRP A 51 12.11 14.83 -10.12
C TRP A 51 13.00 15.09 -11.36
N VAL A 52 12.80 14.36 -12.46
CA VAL A 52 13.42 14.79 -13.73
C VAL A 52 12.40 15.24 -14.72
N GLU A 53 11.11 15.07 -14.40
CA GLU A 53 10.06 15.59 -15.30
C GLU A 53 10.06 17.10 -15.34
N GLN A 54 10.58 17.73 -14.27
CA GLN A 54 10.75 19.11 -14.14
C GLN A 54 11.95 19.70 -14.91
N GLU A 55 12.87 18.87 -15.39
CA GLU A 55 13.95 19.35 -16.28
C GLU A 55 13.27 19.86 -17.53
N GLY A 56 13.87 20.90 -18.11
CA GLY A 56 13.23 21.59 -19.14
C GLY A 56 13.46 21.02 -20.53
N PRO A 57 12.94 21.76 -21.55
CA PRO A 57 12.93 21.20 -22.89
C PRO A 57 14.26 21.07 -23.54
N GLU A 58 15.20 21.88 -23.17
CA GLU A 58 16.57 21.73 -23.73
C GLU A 58 17.21 20.44 -23.17
N TYR A 59 16.97 20.19 -21.88
CA TYR A 59 17.50 18.96 -21.24
C TYR A 59 16.99 17.73 -22.02
N TRP A 60 15.66 17.69 -22.25
CA TRP A 60 15.12 16.45 -22.87
C TRP A 60 15.50 16.38 -24.35
N ASP A 61 15.61 17.49 -25.02
CA ASP A 61 16.09 17.48 -26.41
C ASP A 61 17.50 16.95 -26.47
N ARG A 62 18.39 17.38 -25.54
CA ARG A 62 19.76 16.98 -25.64
C ARG A 62 19.92 15.56 -25.27
N GLU A 63 19.17 15.09 -24.26
CA GLU A 63 19.26 13.68 -23.89
C GLU A 63 18.77 12.84 -25.12
N THR A 64 17.66 13.22 -25.74
CA THR A 64 17.18 12.55 -26.92
C THR A 64 18.25 12.43 -28.00
N GLN A 65 18.91 13.53 -28.27
CA GLN A 65 19.96 13.54 -29.24
C GLN A 65 21.03 12.50 -28.93
N LYS A 66 21.49 12.53 -27.66
CA LYS A 66 22.53 11.61 -27.26
C LYS A 66 22.12 10.17 -27.39
N TYR A 67 20.89 9.86 -26.96
CA TYR A 67 20.41 8.49 -27.13
C TYR A 67 20.38 8.10 -28.57
N LYS A 68 19.85 8.96 -29.46
CA LYS A 68 19.71 8.60 -30.85
C LYS A 68 21.14 8.32 -31.46
N ARG A 69 22.13 9.10 -31.05
CA ARG A 69 23.48 8.98 -31.62
C ARG A 69 24.03 7.64 -31.07
N GLN A 70 23.80 7.27 -29.86
CA GLN A 70 24.41 6.03 -29.28
C GLN A 70 23.67 4.83 -29.95
N ALA A 71 22.36 4.97 -30.13
CA ALA A 71 21.63 3.88 -30.83
C ALA A 71 22.18 3.62 -32.22
N GLN A 72 22.45 4.68 -32.96
CA GLN A 72 23.04 4.55 -34.24
C GLN A 72 24.42 3.89 -34.16
N ALA A 73 25.23 4.34 -33.24
CA ALA A 73 26.56 3.82 -33.10
C ALA A 73 26.54 2.31 -32.69
N ASP A 74 25.52 1.96 -31.90
CA ASP A 74 25.42 0.55 -31.55
C ASP A 74 24.99 -0.40 -32.66
N ARG A 75 24.25 0.06 -33.61
CA ARG A 75 23.92 -0.73 -34.82
C ARG A 75 25.27 -1.03 -35.54
N VAL A 76 26.11 0.01 -35.63
CA VAL A 76 27.43 -0.19 -36.17
C VAL A 76 28.27 -1.12 -35.28
N ASN A 77 28.22 -0.95 -33.99
CA ASN A 77 28.98 -1.79 -33.04
C ASN A 77 28.63 -3.28 -33.19
N LEU A 78 27.34 -3.54 -33.29
CA LEU A 78 26.93 -4.94 -33.51
C LEU A 78 27.48 -5.50 -34.77
N ARG A 79 27.43 -4.73 -35.87
CA ARG A 79 28.06 -5.16 -37.10
C ARG A 79 29.52 -5.46 -36.92
N LYS A 80 30.21 -4.52 -36.30
CA LYS A 80 31.66 -4.70 -36.08
C LYS A 80 32.00 -5.97 -35.31
N LEU A 81 31.27 -6.20 -34.23
CA LEU A 81 31.45 -7.38 -33.39
C LEU A 81 31.23 -8.65 -34.16
N ARG A 82 30.19 -8.73 -34.99
CA ARG A 82 29.98 -9.90 -35.81
C ARG A 82 31.16 -10.18 -36.68
N GLY A 83 31.81 -9.08 -37.19
CA GLY A 83 32.98 -9.24 -37.97
C GLY A 83 34.20 -9.63 -37.17
N TYR A 84 34.40 -9.03 -35.98
CA TYR A 84 35.52 -9.37 -35.17
C TYR A 84 35.57 -10.88 -34.82
N TYR A 85 34.38 -11.42 -34.55
CA TYR A 85 34.24 -12.86 -34.22
C TYR A 85 33.87 -13.77 -35.35
N ASN A 86 33.73 -13.30 -36.62
CA ASN A 86 33.36 -14.13 -37.77
C ASN A 86 32.08 -14.93 -37.49
N GLN A 87 31.13 -14.17 -36.97
CA GLN A 87 29.79 -14.70 -36.73
C GLN A 87 28.93 -14.65 -37.93
N SER A 88 28.03 -15.58 -38.02
CA SER A 88 27.01 -15.61 -39.05
C SER A 88 26.11 -14.42 -39.05
N GLU A 89 25.63 -13.99 -40.22
CA GLU A 89 24.73 -12.79 -40.23
C GLU A 89 23.30 -13.17 -39.77
N ASP A 90 23.03 -14.46 -39.62
CA ASP A 90 21.71 -14.99 -39.32
C ASP A 90 21.41 -14.96 -37.84
N GLY A 91 22.41 -14.86 -36.95
CA GLY A 91 22.21 -14.99 -35.52
C GLY A 91 21.84 -13.64 -34.88
N SER A 92 21.15 -13.68 -33.74
CA SER A 92 20.85 -12.53 -32.95
C SER A 92 21.89 -12.36 -31.84
N HIS A 93 22.34 -11.14 -31.65
CA HIS A 93 23.37 -10.85 -30.69
C HIS A 93 22.98 -9.69 -29.81
N THR A 94 23.62 -9.60 -28.65
CA THR A 94 23.32 -8.57 -27.66
C THR A 94 24.58 -7.83 -27.19
N LEU A 95 24.53 -6.51 -27.24
CA LEU A 95 25.60 -5.71 -26.64
C LEU A 95 25.02 -4.89 -25.53
N GLN A 96 25.57 -4.99 -24.36
CA GLN A 96 25.11 -4.28 -23.19
C GLN A 96 26.24 -3.41 -22.71
N TRP A 97 25.84 -2.25 -22.24
CA TRP A 97 26.76 -1.26 -21.67
C TRP A 97 26.23 -0.73 -20.35
N MET A 98 27.08 -0.51 -19.38
CA MET A 98 26.71 0.09 -18.13
C MET A 98 27.75 1.18 -17.84
N TYR A 99 27.32 2.39 -17.54
CA TYR A 99 28.24 3.37 -17.04
C TYR A 99 27.63 4.24 -16.00
N GLY A 100 28.46 4.87 -15.19
CA GLY A 100 27.89 5.77 -14.23
C GLY A 100 28.87 6.06 -13.12
N CYS A 101 28.39 6.54 -11.98
CA CYS A 101 29.27 7.10 -10.95
C CYS A 101 28.65 6.84 -9.57
N ASP A 102 29.48 6.62 -8.60
CA ASP A 102 29.12 6.59 -7.21
C ASP A 102 29.67 7.83 -6.53
N LEU A 103 28.89 8.42 -5.62
CA LEU A 103 29.15 9.66 -4.98
C LEU A 103 29.76 9.43 -3.61
N GLY A 104 30.89 10.09 -3.40
CA GLY A 104 31.63 9.99 -2.16
C GLY A 104 31.17 10.98 -1.09
N PRO A 105 31.72 10.79 0.12
CA PRO A 105 31.24 11.64 1.19
C PRO A 105 31.65 13.12 1.06
N ASP A 106 32.69 13.37 0.29
CA ASP A 106 33.21 14.72 0.01
C ASP A 106 32.46 15.39 -1.17
N GLY A 107 31.43 14.73 -1.69
CA GLY A 107 30.71 15.19 -2.86
C GLY A 107 31.43 15.05 -4.19
N ARG A 108 32.49 14.28 -4.24
CA ARG A 108 33.22 14.02 -5.47
C ARG A 108 33.00 12.56 -5.87
N LEU A 109 33.52 12.22 -7.04
CA LEU A 109 33.47 10.88 -7.50
C LEU A 109 34.12 9.91 -6.52
N LEU A 110 33.40 8.87 -6.12
CA LEU A 110 34.01 7.76 -5.33
C LEU A 110 34.49 6.63 -6.24
N ARG A 111 33.68 6.27 -7.21
CA ARG A 111 34.04 5.21 -8.19
C ARG A 111 33.31 5.52 -9.47
N GLY A 112 33.96 5.38 -10.61
CA GLY A 112 33.23 5.47 -11.91
C GLY A 112 33.30 4.17 -12.67
N TYR A 113 32.33 3.98 -13.53
CA TYR A 113 32.15 2.77 -14.27
C TYR A 113 31.89 3.02 -15.72
N ASP A 114 32.40 2.19 -16.58
CA ASP A 114 32.10 2.21 -17.97
C ASP A 114 32.49 0.83 -18.50
N GLN A 115 31.50 -0.08 -18.70
CA GLN A 115 31.89 -1.45 -19.01
C GLN A 115 30.79 -2.07 -19.87
N SER A 116 31.16 -3.19 -20.41
CA SER A 116 30.33 -3.77 -21.52
C SER A 116 30.41 -5.31 -21.56
N ALA A 117 29.32 -5.87 -22.16
CA ALA A 117 29.23 -7.33 -22.38
C ALA A 117 28.65 -7.58 -23.74
N TYR A 118 29.20 -8.58 -24.39
CA TYR A 118 28.67 -9.05 -25.67
C TYR A 118 28.20 -10.44 -25.48
N ASP A 119 26.97 -10.70 -25.90
CA ASP A 119 26.36 -12.01 -25.73
C ASP A 119 26.49 -12.59 -24.28
N GLY A 120 26.39 -11.71 -23.33
CA GLY A 120 26.28 -12.04 -21.96
C GLY A 120 27.60 -12.13 -21.21
N LYS A 121 28.68 -11.88 -21.92
CA LYS A 121 29.96 -11.96 -21.33
C LYS A 121 30.79 -10.71 -21.53
N ASP A 122 31.62 -10.52 -20.51
CA ASP A 122 32.39 -9.26 -20.51
C ASP A 122 33.15 -9.06 -21.78
N TYR A 123 33.14 -7.81 -22.25
CA TYR A 123 33.81 -7.43 -23.50
C TYR A 123 35.00 -6.51 -23.14
N ILE A 124 34.68 -5.27 -22.78
CA ILE A 124 35.68 -4.30 -22.36
C ILE A 124 35.20 -3.47 -21.23
N ALA A 125 36.06 -3.20 -20.24
CA ALA A 125 35.70 -2.38 -19.14
C ALA A 125 36.80 -1.37 -18.81
N LEU A 126 36.38 -0.17 -18.39
CA LEU A 126 37.29 0.81 -17.83
C LEU A 126 37.64 0.35 -16.42
N ASN A 127 38.95 0.39 -16.11
CA ASN A 127 39.48 -0.07 -14.81
C ASN A 127 39.16 1.02 -13.76
N GLU A 128 39.17 0.63 -12.50
CA GLU A 128 38.85 1.53 -11.41
C GLU A 128 39.69 2.81 -11.34
N ASP A 129 40.92 2.74 -11.83
CA ASP A 129 41.77 3.92 -11.91
C ASP A 129 41.40 4.92 -12.97
N LEU A 130 40.49 4.52 -13.86
CA LEU A 130 39.90 5.46 -14.89
C LEU A 130 40.99 5.84 -15.88
N ARG A 131 42.01 4.97 -15.99
CA ARG A 131 43.17 5.23 -16.84
C ARG A 131 43.44 4.18 -17.85
N SER A 132 42.84 2.99 -17.75
CA SER A 132 43.33 1.80 -18.46
C SER A 132 42.11 0.89 -18.58
N TRP A 133 42.20 -0.07 -19.48
CA TRP A 133 41.05 -0.88 -19.86
C TRP A 133 41.34 -2.35 -19.61
N THR A 134 40.31 -3.17 -19.37
CA THR A 134 40.40 -4.60 -19.35
C THR A 134 39.62 -5.16 -20.49
N ALA A 135 40.31 -5.80 -21.41
CA ALA A 135 39.65 -6.45 -22.54
C ALA A 135 39.64 -7.91 -22.32
N ALA A 136 38.49 -8.48 -22.56
CA ALA A 136 38.33 -9.93 -22.26
C ALA A 136 38.85 -10.88 -23.33
N ASP A 137 39.20 -10.49 -24.54
CA ASP A 137 39.55 -11.43 -25.58
C ASP A 137 40.18 -10.68 -26.71
N THR A 138 40.54 -11.36 -27.76
CA THR A 138 41.23 -10.76 -28.89
C THR A 138 40.47 -9.70 -29.59
N ALA A 139 39.17 -9.89 -29.71
CA ALA A 139 38.34 -8.91 -30.36
C ALA A 139 38.32 -7.64 -29.58
N ALA A 140 38.11 -7.74 -28.24
CA ALA A 140 38.11 -6.61 -27.39
C ALA A 140 39.45 -5.90 -27.36
N GLN A 141 40.54 -6.59 -27.56
CA GLN A 141 41.85 -5.94 -27.58
C GLN A 141 41.96 -4.99 -28.80
N ILE A 142 41.21 -5.30 -29.86
CA ILE A 142 41.20 -4.40 -31.03
C ILE A 142 40.56 -3.07 -30.57
N THR A 143 39.43 -3.11 -29.87
CA THR A 143 38.80 -1.93 -29.41
C THR A 143 39.73 -1.22 -28.44
N GLN A 144 40.30 -1.99 -27.53
CA GLN A 144 41.27 -1.40 -26.59
C GLN A 144 42.37 -0.58 -27.21
N ARG A 145 43.06 -1.13 -28.19
CA ARG A 145 44.15 -0.41 -28.80
C ARG A 145 43.67 0.89 -29.43
N LYS A 146 42.48 0.85 -30.04
CA LYS A 146 41.93 2.05 -30.65
C LYS A 146 41.68 3.10 -29.55
N TRP A 147 41.08 2.67 -28.48
CA TRP A 147 40.70 3.57 -27.43
C TRP A 147 41.90 4.12 -26.66
N GLU A 148 42.92 3.31 -26.58
CA GLU A 148 44.21 3.81 -25.98
C GLU A 148 44.80 4.90 -26.83
N ALA A 149 44.88 4.71 -28.13
CA ALA A 149 45.44 5.70 -29.05
C ALA A 149 44.55 6.97 -29.08
N ALA A 150 43.24 6.83 -28.90
CA ALA A 150 42.30 7.99 -28.92
C ALA A 150 42.18 8.67 -27.50
N ARG A 151 42.89 8.21 -26.47
CA ARG A 151 42.74 8.78 -25.11
C ARG A 151 41.34 8.80 -24.59
N GLU A 152 40.64 7.72 -24.96
CA GLU A 152 39.20 7.56 -24.52
C GLU A 152 39.07 7.54 -23.01
N ALA A 153 40.03 6.92 -22.31
CA ALA A 153 39.92 6.81 -20.83
C ALA A 153 40.00 8.18 -20.22
N GLU A 154 40.89 9.06 -20.72
CA GLU A 154 41.00 10.41 -20.13
C GLU A 154 39.67 11.18 -20.32
N GLN A 155 38.99 10.94 -21.45
CA GLN A 155 37.73 11.60 -21.72
C GLN A 155 36.65 11.07 -20.74
N TRP A 156 36.62 9.76 -20.57
CA TRP A 156 35.68 9.16 -19.66
C TRP A 156 35.95 9.65 -18.23
N ARG A 157 37.17 9.72 -17.84
CA ARG A 157 37.52 10.25 -16.51
C ARG A 157 36.94 11.57 -16.30
N ALA A 158 37.08 12.46 -17.25
CA ALA A 158 36.52 13.80 -17.08
C ALA A 158 35.02 13.82 -16.97
N TYR A 159 34.31 13.05 -17.78
CA TYR A 159 32.85 12.87 -17.65
C TYR A 159 32.47 12.33 -16.31
N LEU A 160 33.18 11.32 -15.85
CA LEU A 160 32.77 10.63 -14.56
C LEU A 160 33.01 11.49 -13.37
N GLU A 161 34.15 12.22 -13.37
CA GLU A 161 34.48 13.10 -12.24
C GLU A 161 33.70 14.36 -12.26
N GLY A 162 33.28 14.83 -13.43
CA GLY A 162 32.63 16.08 -13.66
C GLY A 162 31.12 15.97 -13.80
N THR A 163 30.63 15.98 -15.00
CA THR A 163 29.28 15.99 -15.35
C THR A 163 28.50 14.89 -14.56
N CYS A 164 29.01 13.65 -14.59
CA CYS A 164 28.24 12.55 -14.01
C CYS A 164 27.91 12.88 -12.56
N VAL A 165 28.87 13.28 -11.77
CA VAL A 165 28.64 13.65 -10.37
C VAL A 165 27.80 14.88 -10.17
N GLU A 166 28.01 15.86 -11.03
CA GLU A 166 27.24 17.05 -10.97
C GLU A 166 25.74 16.77 -11.15
N TRP A 167 25.40 15.97 -12.16
CA TRP A 167 24.03 15.61 -12.41
C TRP A 167 23.44 14.73 -11.29
N LEU A 168 24.22 13.77 -10.84
CA LEU A 168 23.78 12.96 -9.69
C LEU A 168 23.44 13.84 -8.51
N ARG A 169 24.34 14.76 -8.12
CA ARG A 169 24.03 15.65 -7.06
C ARG A 169 22.74 16.51 -7.28
N ARG A 170 22.53 16.97 -8.49
CA ARG A 170 21.37 17.71 -8.85
C ARG A 170 20.09 16.87 -8.71
N TYR A 171 20.17 15.67 -9.19
CA TYR A 171 19.02 14.75 -9.11
C TYR A 171 18.72 14.44 -7.66
N LEU A 172 19.76 14.16 -6.88
CA LEU A 172 19.56 13.88 -5.45
C LEU A 172 18.93 15.05 -4.76
N GLU A 173 19.35 16.28 -5.04
CA GLU A 173 18.65 17.39 -4.44
C GLU A 173 17.20 17.56 -4.90
N ASN A 174 16.96 17.51 -6.19
CA ASN A 174 15.60 17.64 -6.71
C ASN A 174 14.67 16.50 -6.27
N GLY A 175 15.20 15.34 -6.04
CA GLY A 175 14.44 14.19 -5.60
C GLY A 175 14.62 13.88 -4.12
N LYS A 176 15.13 14.78 -3.34
CA LYS A 176 15.54 14.42 -1.98
C LYS A 176 14.43 13.81 -1.14
N GLU A 177 13.22 14.29 -1.34
CA GLU A 177 12.10 13.74 -0.52
C GLU A 177 11.85 12.28 -0.72
N THR A 178 12.29 11.72 -1.81
CA THR A 178 12.19 10.27 -2.02
C THR A 178 13.56 9.57 -2.05
N LEU A 179 14.54 10.13 -2.78
CA LEU A 179 15.83 9.53 -2.90
C LEU A 179 16.67 9.55 -1.63
N GLN A 180 16.50 10.56 -0.78
CA GLN A 180 17.32 10.68 0.39
C GLN A 180 16.49 10.38 1.65
N ARG A 181 15.35 9.75 1.50
CA ARG A 181 14.52 9.43 2.71
C ARG A 181 13.98 8.05 2.67
N ALA A 182 14.55 7.14 3.43
CA ALA A 182 14.21 5.76 3.34
C ALA A 182 12.77 5.52 3.83
N GLU A 183 12.09 4.59 3.18
CA GLU A 183 10.80 4.13 3.61
C GLU A 183 10.98 2.79 4.32
N HIS A 184 10.59 2.74 5.59
CA HIS A 184 10.91 1.55 6.42
C HIS A 184 10.02 0.41 5.99
N PRO A 185 10.48 -0.84 6.16
CA PRO A 185 9.60 -1.96 5.79
C PRO A 185 8.42 -2.14 6.78
N LYS A 186 7.25 -2.40 6.19
CA LYS A 186 6.09 -2.80 6.94
C LYS A 186 6.21 -4.32 7.10
N THR A 187 6.28 -4.77 8.31
CA THR A 187 6.64 -6.13 8.60
C THR A 187 5.52 -6.97 9.28
N HIS A 188 5.42 -8.24 8.99
CA HIS A 188 4.56 -9.13 9.71
C HIS A 188 4.99 -10.54 9.53
N VAL A 189 4.45 -11.46 10.36
CA VAL A 189 4.77 -12.84 10.29
C VAL A 189 3.53 -13.61 9.93
N THR A 190 3.63 -14.64 9.08
CA THR A 190 2.50 -15.53 8.86
C THR A 190 2.90 -16.95 9.20
N HIS A 191 1.88 -17.78 9.44
CA HIS A 191 2.04 -19.16 9.93
C HIS A 191 1.22 -20.07 9.07
N HIS A 192 1.80 -21.12 8.50
CA HIS A 192 1.11 -22.00 7.55
C HIS A 192 1.38 -23.46 7.97
N PRO A 193 0.44 -24.12 8.66
CA PRO A 193 0.61 -25.55 9.00
C PRO A 193 0.97 -26.38 7.73
N VAL A 194 2.00 -27.22 7.83
CA VAL A 194 2.82 -27.69 6.65
C VAL A 194 2.97 -29.17 6.51
N SER A 195 2.40 -29.92 7.45
CA SER A 195 2.32 -31.36 7.54
C SER A 195 1.48 -31.47 8.83
N ASP A 196 1.16 -32.70 9.20
CA ASP A 196 0.44 -32.92 10.43
C ASP A 196 1.29 -32.46 11.67
N HIS A 197 2.65 -32.29 11.54
CA HIS A 197 3.31 -31.75 12.76
C HIS A 197 4.26 -30.61 12.66
N GLU A 198 4.24 -29.95 11.50
CA GLU A 198 5.19 -28.87 11.26
C GLU A 198 4.46 -27.70 10.69
N ALA A 199 5.14 -26.56 10.67
CA ALA A 199 4.50 -25.28 10.23
C ALA A 199 5.56 -24.37 9.62
N THR A 200 5.15 -23.62 8.60
CA THR A 200 6.05 -22.64 8.00
C THR A 200 5.78 -21.30 8.72
N LEU A 201 6.82 -20.66 9.24
CA LEU A 201 6.74 -19.26 9.65
C LEU A 201 7.37 -18.41 8.53
N ARG A 202 6.71 -17.37 8.13
CA ARG A 202 7.26 -16.51 7.06
C ARG A 202 7.21 -15.08 7.52
N CYS A 203 8.39 -14.45 7.47
CA CYS A 203 8.59 -13.11 7.92
C CYS A 203 8.61 -12.21 6.65
N TRP A 204 7.69 -11.27 6.60
CA TRP A 204 7.50 -10.38 5.49
C TRP A 204 8.00 -8.99 5.72
N ALA A 205 8.63 -8.40 4.70
CA ALA A 205 8.96 -7.00 4.68
C ALA A 205 8.38 -6.47 3.39
N LEU A 206 7.50 -5.47 3.53
CA LEU A 206 6.83 -4.87 2.37
C LEU A 206 7.00 -3.35 2.34
N GLY A 207 6.94 -2.78 1.13
CA GLY A 207 6.81 -1.36 0.97
C GLY A 207 8.08 -0.56 1.29
N PHE A 208 9.26 -1.16 1.24
CA PHE A 208 10.47 -0.52 1.70
C PHE A 208 11.28 0.10 0.49
N TYR A 209 12.15 1.04 0.86
CA TYR A 209 13.05 1.73 -0.09
C TYR A 209 14.15 2.26 0.76
N PRO A 210 15.43 2.08 0.37
CA PRO A 210 15.89 1.38 -0.83
C PRO A 210 15.78 -0.12 -0.70
N ALA A 211 16.18 -0.84 -1.78
CA ALA A 211 15.97 -2.24 -1.88
C ALA A 211 16.83 -3.05 -0.86
N GLU A 212 17.94 -2.52 -0.41
CA GLU A 212 18.84 -3.28 0.46
C GLU A 212 18.12 -3.57 1.79
N ILE A 213 18.15 -4.84 2.22
CA ILE A 213 17.50 -5.23 3.42
C ILE A 213 18.11 -6.52 3.93
N THR A 214 18.00 -6.83 5.25
CA THR A 214 18.38 -8.17 5.69
C THR A 214 17.25 -8.72 6.54
N LEU A 215 16.82 -9.96 6.23
CA LEU A 215 15.84 -10.69 6.99
C LEU A 215 16.42 -11.98 7.45
N THR A 216 16.37 -12.26 8.75
CA THR A 216 16.95 -13.52 9.25
C THR A 216 16.01 -14.11 10.31
N TRP A 217 15.98 -15.41 10.37
CA TRP A 217 15.24 -16.15 11.42
C TRP A 217 16.29 -16.69 12.36
N GLN A 218 16.04 -16.55 13.66
CA GLN A 218 16.91 -17.18 14.64
C GLN A 218 16.02 -18.18 15.43
N ARG A 219 16.63 -19.28 15.89
CA ARG A 219 15.96 -20.18 16.77
C ARG A 219 16.77 -20.17 18.06
N ASP A 220 16.16 -19.90 19.23
CA ASP A 220 16.95 -19.84 20.47
C ASP A 220 18.18 -18.85 20.35
N GLY A 221 17.98 -17.78 19.60
CA GLY A 221 18.96 -16.73 19.41
C GLY A 221 20.09 -17.12 18.42
N GLU A 222 19.91 -18.22 17.67
CA GLU A 222 20.96 -18.75 16.73
C GLU A 222 20.46 -18.59 15.29
N ASP A 223 21.28 -18.00 14.41
CA ASP A 223 20.88 -17.88 12.99
C ASP A 223 20.55 -19.22 12.34
N GLN A 224 19.44 -19.31 11.65
CA GLN A 224 19.01 -20.50 10.93
C GLN A 224 19.35 -20.34 9.45
N THR A 225 20.57 -19.96 9.17
CA THR A 225 20.96 -19.57 7.80
C THR A 225 20.71 -20.73 6.79
N GLN A 226 21.16 -21.91 7.18
CA GLN A 226 20.99 -23.11 6.35
C GLN A 226 19.56 -23.56 6.06
N ASP A 227 18.63 -23.19 6.91
CA ASP A 227 17.28 -23.79 6.89
C ASP A 227 16.24 -22.70 6.52
N THR A 228 16.72 -21.51 6.22
CA THR A 228 15.84 -20.38 5.82
C THR A 228 15.74 -20.31 4.33
N GLU A 229 14.50 -20.27 3.86
CA GLU A 229 14.21 -19.97 2.42
C GLU A 229 14.06 -18.44 2.35
N LEU A 230 14.85 -17.83 1.49
CA LEU A 230 14.81 -16.40 1.33
C LEU A 230 14.52 -16.09 -0.14
N VAL A 231 13.42 -15.42 -0.49
CA VAL A 231 13.22 -15.01 -1.87
C VAL A 231 14.03 -13.81 -2.21
N GLU A 232 14.30 -13.63 -3.48
CA GLU A 232 15.03 -12.48 -3.94
C GLU A 232 14.19 -11.24 -3.80
N THR A 233 14.78 -10.16 -3.34
CA THR A 233 14.06 -8.94 -3.17
C THR A 233 13.43 -8.55 -4.51
N ARG A 234 12.20 -8.10 -4.42
CA ARG A 234 11.39 -7.95 -5.68
C ARG A 234 10.68 -6.61 -5.67
N PRO A 235 10.47 -6.04 -6.86
CA PRO A 235 9.80 -4.75 -6.89
C PRO A 235 8.29 -4.87 -6.71
N ALA A 236 7.72 -4.00 -5.87
CA ALA A 236 6.25 -4.01 -5.78
C ALA A 236 5.54 -3.43 -6.98
N GLY A 237 6.21 -2.59 -7.73
CA GLY A 237 5.67 -1.95 -8.88
C GLY A 237 5.31 -0.52 -8.64
N ASP A 238 5.44 -0.04 -7.41
CA ASP A 238 5.18 1.39 -7.08
C ASP A 238 6.44 2.14 -6.60
N GLY A 239 7.64 1.56 -6.85
CA GLY A 239 8.93 2.14 -6.48
C GLY A 239 9.45 1.58 -5.15
N THR A 240 8.68 0.77 -4.49
CA THR A 240 9.13 0.06 -3.27
C THR A 240 9.39 -1.39 -3.55
N PHE A 241 9.95 -2.05 -2.53
CA PHE A 241 10.38 -3.47 -2.68
C PHE A 241 9.79 -4.31 -1.60
N GLN A 242 9.89 -5.60 -1.87
CA GLN A 242 9.32 -6.65 -1.04
C GLN A 242 10.31 -7.76 -0.84
N LYS A 243 10.27 -8.42 0.34
CA LYS A 243 11.10 -9.64 0.57
C LYS A 243 10.44 -10.46 1.69
N TRP A 244 10.61 -11.77 1.62
CA TRP A 244 10.32 -12.60 2.76
C TRP A 244 11.34 -13.70 3.00
N ALA A 245 11.33 -14.21 4.25
CA ALA A 245 12.15 -15.30 4.68
C ALA A 245 11.28 -16.31 5.43
N ALA A 246 11.46 -17.59 5.19
CA ALA A 246 10.63 -18.60 5.79
C ALA A 246 11.42 -19.76 6.35
N VAL A 247 10.89 -20.33 7.41
CA VAL A 247 11.46 -21.51 8.00
C VAL A 247 10.34 -22.46 8.42
N VAL A 248 10.65 -23.77 8.39
CA VAL A 248 9.69 -24.82 8.72
C VAL A 248 10.07 -25.30 10.10
N VAL A 249 9.10 -25.25 11.01
CA VAL A 249 9.38 -25.52 12.42
C VAL A 249 8.49 -26.61 12.91
N PRO A 250 8.93 -27.29 13.97
CA PRO A 250 8.04 -28.21 14.56
C PRO A 250 6.90 -27.47 15.26
N SER A 251 5.70 -28.00 15.03
CA SER A 251 4.51 -27.46 15.61
C SER A 251 4.67 -27.43 17.13
N GLY A 252 4.37 -26.26 17.72
CA GLY A 252 4.50 -25.98 19.15
C GLY A 252 5.80 -25.30 19.59
N GLU A 253 6.78 -25.22 18.71
CA GLU A 253 8.04 -24.61 19.01
C GLU A 253 8.13 -23.18 18.46
N GLU A 254 7.05 -22.71 17.85
CA GLU A 254 7.07 -21.36 17.28
C GLU A 254 7.64 -20.25 18.14
N GLN A 255 7.42 -20.28 19.44
CA GLN A 255 7.93 -19.21 20.33
C GLN A 255 9.50 -19.11 20.41
N ARG A 256 10.21 -20.15 19.96
CA ARG A 256 11.67 -20.09 20.00
C ARG A 256 12.25 -19.32 18.79
N TYR A 257 11.40 -19.01 17.82
CA TYR A 257 11.81 -18.41 16.58
C TYR A 257 11.57 -16.90 16.58
N THR A 258 12.56 -16.12 16.12
CA THR A 258 12.34 -14.69 15.95
C THR A 258 12.93 -14.29 14.62
N CYS A 259 12.20 -13.37 13.96
CA CYS A 259 12.59 -12.80 12.68
C CYS A 259 13.21 -11.45 12.97
N HIS A 260 14.35 -11.17 12.36
CA HIS A 260 15.13 -9.95 12.57
C HIS A 260 15.22 -9.17 11.22
N VAL A 261 14.91 -7.90 11.29
CA VAL A 261 14.80 -7.08 10.08
C VAL A 261 15.73 -5.93 10.25
N GLN A 262 16.67 -5.79 9.34
CA GLN A 262 17.54 -4.63 9.32
C GLN A 262 17.29 -3.83 8.00
N HIS A 263 17.17 -2.53 8.14
CA HIS A 263 16.87 -1.69 7.00
C HIS A 263 17.25 -0.29 7.35
N GLU A 264 17.70 0.49 6.36
CA GLU A 264 18.16 1.87 6.67
C GLU A 264 17.05 2.75 7.24
N GLY A 265 15.81 2.46 6.96
CA GLY A 265 14.66 3.20 7.46
C GLY A 265 14.27 2.82 8.86
N LEU A 266 14.92 1.83 9.47
CA LEU A 266 14.69 1.47 10.87
C LEU A 266 15.88 1.97 11.72
N PRO A 267 15.63 2.87 12.65
CA PRO A 267 16.73 3.24 13.65
C PRO A 267 17.38 2.06 14.41
N GLU A 268 16.59 1.07 14.80
CA GLU A 268 17.15 -0.18 15.40
C GLU A 268 16.53 -1.33 14.59
N PRO A 269 17.26 -2.44 14.39
CA PRO A 269 16.61 -3.63 13.82
C PRO A 269 15.34 -4.04 14.57
N LEU A 270 14.36 -4.49 13.78
CA LEU A 270 13.11 -5.02 14.35
C LEU A 270 13.25 -6.48 14.62
N THR A 271 12.49 -6.99 15.58
CA THR A 271 12.37 -8.41 15.83
C THR A 271 10.89 -8.62 15.87
N LEU A 272 10.45 -9.68 15.21
CA LEU A 272 9.08 -10.14 15.23
C LEU A 272 9.02 -11.53 15.69
N ARG A 273 7.90 -11.89 16.26
CA ARG A 273 7.72 -13.23 16.73
C ARG A 273 6.27 -13.58 16.55
N TRP A 274 6.00 -14.87 16.46
CA TRP A 274 4.70 -15.42 16.37
C TRP A 274 4.31 -15.81 17.79
N MET B 1 26.84 -18.03 -27.40
CA MET B 1 26.33 -17.07 -26.41
C MET B 1 26.15 -17.68 -24.99
N ILE B 2 26.17 -16.85 -23.95
CA ILE B 2 25.77 -17.24 -22.62
C ILE B 2 24.26 -17.18 -22.57
N GLN B 3 23.62 -18.25 -22.12
CA GLN B 3 22.17 -18.23 -21.91
C GLN B 3 21.91 -18.53 -20.43
N ARG B 4 20.91 -17.88 -19.88
CA ARG B 4 20.55 -18.08 -18.51
C ARG B 4 19.04 -18.14 -18.40
N THR B 5 18.57 -19.11 -17.63
CA THR B 5 17.12 -19.35 -17.55
C THR B 5 16.46 -18.35 -16.53
N PRO B 6 15.27 -17.86 -16.80
CA PRO B 6 14.64 -16.88 -15.89
C PRO B 6 14.17 -17.48 -14.54
N LYS B 7 14.41 -16.72 -13.46
CA LYS B 7 13.72 -16.90 -12.21
C LYS B 7 12.38 -16.19 -12.33
N ILE B 8 11.38 -16.71 -11.61
CA ILE B 8 10.08 -16.18 -11.66
C ILE B 8 9.46 -16.05 -10.27
N GLN B 9 8.85 -14.89 -9.99
CA GLN B 9 8.02 -14.69 -8.84
C GLN B 9 6.73 -14.09 -9.26
N VAL B 10 5.63 -14.58 -8.64
CA VAL B 10 4.26 -14.08 -8.90
C VAL B 10 3.69 -13.61 -7.55
N TYR B 11 3.14 -12.41 -7.46
CA TYR B 11 2.79 -11.79 -6.23
C TYR B 11 2.00 -10.51 -6.49
N SER B 12 1.33 -10.00 -5.45
CA SER B 12 0.63 -8.77 -5.58
C SER B 12 1.40 -7.61 -5.03
N ARG B 13 1.06 -6.45 -5.53
CA ARG B 13 1.69 -5.22 -5.11
C ARG B 13 1.42 -4.96 -3.61
N HIS B 14 0.12 -5.03 -3.25
CA HIS B 14 -0.35 -4.92 -1.89
C HIS B 14 -0.85 -6.27 -1.34
N PRO B 15 -0.90 -6.44 0.01
CA PRO B 15 -1.45 -7.68 0.53
C PRO B 15 -2.88 -7.86 0.00
N ALA B 16 -3.20 -9.07 -0.38
CA ALA B 16 -4.41 -9.29 -1.11
C ALA B 16 -5.62 -9.16 -0.17
N GLU B 17 -6.67 -8.45 -0.63
CA GLU B 17 -7.98 -8.44 0.03
C GLU B 17 -9.03 -8.69 -1.03
N ASN B 18 -9.79 -9.77 -0.85
CA ASN B 18 -10.92 -10.06 -1.74
C ASN B 18 -11.84 -8.84 -1.96
N GLY B 19 -12.05 -8.51 -3.25
CA GLY B 19 -12.84 -7.35 -3.67
C GLY B 19 -12.17 -5.96 -3.63
N LYS B 20 -10.87 -5.85 -3.29
CA LYS B 20 -10.16 -4.55 -3.31
C LYS B 20 -9.23 -4.61 -4.52
N SER B 21 -9.21 -3.52 -5.28
CA SER B 21 -8.34 -3.39 -6.46
C SER B 21 -6.87 -3.42 -6.02
N ASN B 22 -6.02 -4.05 -6.80
CA ASN B 22 -4.63 -4.42 -6.48
C ASN B 22 -3.89 -4.52 -7.82
N PHE B 23 -2.62 -4.92 -7.77
CA PHE B 23 -1.86 -5.23 -9.00
C PHE B 23 -1.22 -6.58 -8.85
N LEU B 24 -1.35 -7.40 -9.89
CA LEU B 24 -0.76 -8.70 -9.96
C LEU B 24 0.56 -8.58 -10.74
N ASN B 25 1.63 -9.07 -10.12
CA ASN B 25 3.00 -8.93 -10.62
C ASN B 25 3.59 -10.30 -10.99
N CYS B 26 4.30 -10.32 -12.13
CA CYS B 26 5.18 -11.42 -12.46
C CYS B 26 6.60 -10.86 -12.76
N TYR B 27 7.53 -11.13 -11.87
CA TYR B 27 8.90 -10.62 -11.92
C TYR B 27 9.76 -11.70 -12.45
N VAL B 28 10.44 -11.40 -13.55
CA VAL B 28 11.29 -12.34 -14.26
C VAL B 28 12.67 -11.76 -14.22
N SER B 29 13.63 -12.54 -13.76
CA SER B 29 14.97 -12.04 -13.53
C SER B 29 16.02 -13.08 -13.80
N GLY B 30 17.29 -12.65 -13.92
CA GLY B 30 18.34 -13.58 -14.06
C GLY B 30 18.49 -14.21 -15.44
N PHE B 31 17.86 -13.67 -16.42
CA PHE B 31 17.77 -14.36 -17.74
C PHE B 31 18.66 -13.71 -18.81
N HIS B 32 19.02 -14.48 -19.82
CA HIS B 32 19.81 -13.97 -20.97
C HIS B 32 19.65 -15.03 -22.09
N PRO B 33 19.40 -14.65 -23.34
CA PRO B 33 19.21 -13.28 -23.84
C PRO B 33 17.92 -12.66 -23.44
N SER B 34 17.66 -11.42 -23.92
CA SER B 34 16.62 -10.63 -23.34
C SER B 34 15.23 -10.94 -23.93
N ASP B 35 15.12 -11.59 -25.07
CA ASP B 35 13.78 -11.94 -25.59
C ASP B 35 13.10 -12.94 -24.64
N ILE B 36 11.94 -12.63 -24.19
CA ILE B 36 11.16 -13.45 -23.27
C ILE B 36 9.69 -13.23 -23.49
N GLU B 37 8.86 -14.26 -23.25
CA GLU B 37 7.39 -14.05 -23.40
C GLU B 37 6.82 -14.25 -22.06
N VAL B 38 6.00 -13.28 -21.61
CA VAL B 38 5.46 -13.36 -20.31
C VAL B 38 4.02 -12.99 -20.42
N ASP B 39 3.10 -13.94 -20.08
CA ASP B 39 1.71 -13.63 -20.00
C ASP B 39 1.17 -13.83 -18.58
N LEU B 40 0.20 -12.99 -18.20
CA LEU B 40 -0.53 -13.14 -16.97
C LEU B 40 -1.82 -13.85 -17.31
N LEU B 41 -2.21 -14.83 -16.48
CA LEU B 41 -3.40 -15.67 -16.77
C LEU B 41 -4.45 -15.58 -15.67
N LYS B 42 -5.72 -15.56 -16.08
CA LYS B 42 -6.83 -15.58 -15.12
C LYS B 42 -7.62 -16.83 -15.45
N ASN B 43 -7.76 -17.76 -14.50
CA ASN B 43 -8.45 -19.07 -14.76
C ASN B 43 -7.94 -19.70 -16.09
N GLY B 44 -6.61 -19.65 -16.32
CA GLY B 44 -6.03 -20.28 -17.57
C GLY B 44 -6.06 -19.38 -18.83
N GLU B 45 -6.85 -18.29 -18.82
CA GLU B 45 -6.96 -17.33 -20.00
C GLU B 45 -5.98 -16.14 -19.94
N ARG B 46 -5.31 -15.86 -21.06
CA ARG B 46 -4.46 -14.70 -21.18
C ARG B 46 -5.15 -13.38 -20.83
N ILE B 47 -4.60 -12.60 -19.91
CA ILE B 47 -5.09 -11.25 -19.59
C ILE B 47 -4.60 -10.30 -20.67
N GLU B 48 -5.48 -9.48 -21.24
CA GLU B 48 -4.96 -8.62 -22.35
C GLU B 48 -4.31 -7.33 -21.87
N LYS B 49 -4.74 -6.74 -20.79
CA LYS B 49 -4.20 -5.44 -20.40
C LYS B 49 -2.97 -5.72 -19.52
N VAL B 50 -1.80 -6.06 -20.10
CA VAL B 50 -0.63 -6.25 -19.26
C VAL B 50 0.49 -5.31 -19.63
N GLU B 51 1.05 -4.65 -18.65
CA GLU B 51 2.20 -3.74 -18.96
C GLU B 51 3.49 -4.32 -18.36
N HIS B 52 4.63 -3.77 -18.80
CA HIS B 52 5.85 -4.25 -18.26
C HIS B 52 6.83 -3.09 -18.07
N SER B 53 7.75 -3.29 -17.16
CA SER B 53 8.82 -2.30 -16.92
C SER B 53 9.77 -2.30 -18.07
N ASP B 54 10.60 -1.26 -18.11
CA ASP B 54 11.58 -1.13 -19.16
C ASP B 54 12.76 -2.10 -18.91
N LEU B 55 13.22 -2.75 -19.97
CA LEU B 55 14.29 -3.72 -19.84
C LEU B 55 15.57 -3.15 -19.15
N SER B 56 15.99 -3.84 -18.10
CA SER B 56 17.17 -3.48 -17.38
C SER B 56 17.94 -4.75 -17.03
N PHE B 57 19.11 -4.56 -16.42
CA PHE B 57 19.90 -5.74 -16.07
C PHE B 57 20.75 -5.48 -14.89
N SER B 58 21.21 -6.57 -14.31
CA SER B 58 22.00 -6.62 -13.11
C SER B 58 23.49 -6.55 -13.36
N LYS B 59 24.27 -6.50 -12.25
CA LYS B 59 25.72 -6.49 -12.35
C LYS B 59 26.30 -7.64 -13.20
N ASP B 60 25.71 -8.81 -13.11
CA ASP B 60 26.16 -9.99 -13.86
C ASP B 60 25.66 -10.04 -15.30
N TRP B 61 24.98 -8.94 -15.76
CA TRP B 61 24.49 -8.71 -17.04
C TRP B 61 23.13 -9.40 -17.32
N SER B 62 22.66 -10.13 -16.33
CA SER B 62 21.37 -10.78 -16.59
C SER B 62 20.21 -9.77 -16.46
N PHE B 63 19.21 -10.04 -17.23
CA PHE B 63 18.08 -9.13 -17.40
C PHE B 63 17.01 -9.27 -16.33
N TYR B 64 16.23 -8.25 -16.15
CA TYR B 64 15.05 -8.35 -15.32
C TYR B 64 13.93 -7.47 -15.90
N LEU B 65 12.69 -7.96 -15.69
CA LEU B 65 11.46 -7.29 -16.13
C LEU B 65 10.36 -7.58 -15.07
N LEU B 66 9.52 -6.60 -14.87
CA LEU B 66 8.28 -6.77 -14.12
C LEU B 66 7.12 -6.63 -15.04
N TYR B 67 6.24 -7.69 -15.09
CA TYR B 67 5.01 -7.63 -15.85
C TYR B 67 3.88 -7.44 -14.82
N TYR B 68 2.89 -6.62 -15.10
CA TYR B 68 1.88 -6.26 -14.13
C TYR B 68 0.61 -5.86 -14.73
N THR B 69 -0.47 -6.10 -13.92
CA THR B 69 -1.76 -5.73 -14.39
C THR B 69 -2.62 -5.46 -13.17
N GLU B 70 -3.54 -4.47 -13.32
CA GLU B 70 -4.52 -4.19 -12.24
C GLU B 70 -5.47 -5.40 -12.14
N PHE B 71 -5.92 -5.73 -10.93
CA PHE B 71 -6.84 -6.82 -10.76
C PHE B 71 -7.49 -6.63 -9.39
N THR B 72 -8.60 -7.27 -9.26
CA THR B 72 -9.39 -7.31 -8.01
C THR B 72 -9.52 -8.76 -7.69
N PRO B 73 -8.70 -9.27 -6.74
CA PRO B 73 -8.81 -10.71 -6.43
C PRO B 73 -10.17 -11.04 -5.74
N THR B 74 -10.56 -12.30 -5.88
CA THR B 74 -11.73 -12.93 -5.25
C THR B 74 -11.30 -14.29 -4.72
N GLU B 75 -12.17 -15.01 -3.99
CA GLU B 75 -11.78 -16.35 -3.44
C GLU B 75 -11.59 -17.39 -4.57
N LYS B 76 -12.46 -17.29 -5.60
CA LYS B 76 -12.61 -18.32 -6.65
C LYS B 76 -11.58 -18.17 -7.77
N ASP B 77 -11.07 -16.95 -8.04
CA ASP B 77 -10.32 -16.75 -9.30
C ASP B 77 -8.88 -17.19 -9.06
N GLU B 78 -8.29 -17.81 -10.06
CA GLU B 78 -6.99 -18.42 -10.04
C GLU B 78 -6.10 -17.60 -11.02
N TYR B 79 -4.96 -17.12 -10.53
CA TYR B 79 -4.11 -16.36 -11.42
C TYR B 79 -2.74 -16.97 -11.47
N ALA B 80 -2.04 -16.70 -12.58
CA ALA B 80 -0.77 -17.37 -12.83
C ALA B 80 0.05 -16.53 -13.80
N CYS B 81 1.31 -16.87 -13.92
CA CYS B 81 2.23 -16.16 -14.87
C CYS B 81 2.76 -17.29 -15.71
N ARG B 82 2.75 -17.10 -17.03
CA ARG B 82 3.29 -18.05 -17.99
C ARG B 82 4.49 -17.43 -18.62
N VAL B 83 5.61 -18.16 -18.56
CA VAL B 83 6.91 -17.63 -19.07
C VAL B 83 7.50 -18.60 -20.10
N ASN B 84 7.84 -18.08 -21.29
CA ASN B 84 8.67 -18.83 -22.20
C ASN B 84 10.00 -18.04 -22.52
N HIS B 85 11.03 -18.77 -22.78
CA HIS B 85 12.32 -18.29 -23.14
C HIS B 85 13.10 -19.35 -23.88
N VAL B 86 14.17 -18.94 -24.56
CA VAL B 86 14.91 -19.92 -25.34
C VAL B 86 15.49 -21.06 -24.46
N THR B 87 15.76 -20.75 -23.20
CA THR B 87 16.31 -21.79 -22.33
C THR B 87 15.31 -22.86 -21.86
N LEU B 88 14.03 -22.68 -22.17
CA LEU B 88 12.93 -23.55 -21.73
C LEU B 88 12.38 -24.37 -22.84
N SER B 89 12.20 -25.66 -22.61
CA SER B 89 11.62 -26.58 -23.63
C SER B 89 10.12 -26.38 -23.65
N GLN B 90 9.58 -25.90 -22.55
CA GLN B 90 8.15 -25.69 -22.42
C GLN B 90 7.92 -24.48 -21.52
N PRO B 91 6.75 -23.88 -21.65
CA PRO B 91 6.52 -22.71 -20.82
C PRO B 91 6.46 -23.09 -19.37
N LYS B 92 6.92 -22.23 -18.48
CA LYS B 92 6.78 -22.37 -17.03
C LYS B 92 5.58 -21.56 -16.63
N ILE B 93 4.72 -22.19 -15.85
CA ILE B 93 3.57 -21.52 -15.27
C ILE B 93 3.75 -21.49 -13.77
N VAL B 94 3.74 -20.35 -13.19
CA VAL B 94 3.86 -20.25 -11.71
C VAL B 94 2.53 -19.63 -11.24
N LYS B 95 1.87 -20.29 -10.31
CA LYS B 95 0.60 -19.81 -9.82
C LYS B 95 0.80 -18.67 -8.78
N TRP B 96 -0.11 -17.69 -8.76
CA TRP B 96 -0.15 -16.72 -7.69
C TRP B 96 -0.65 -17.41 -6.43
N ASP B 97 0.17 -17.44 -5.40
CA ASP B 97 -0.16 -17.99 -4.11
C ASP B 97 -0.11 -16.79 -3.21
N ARG B 98 -1.24 -16.38 -2.65
CA ARG B 98 -1.22 -15.12 -1.89
C ARG B 98 -0.34 -15.20 -0.64
N ASP B 99 0.07 -16.39 -0.24
CA ASP B 99 0.93 -16.53 0.90
C ASP B 99 2.42 -16.46 0.51
N MET B 100 2.72 -16.19 -0.76
CA MET B 100 4.10 -16.11 -1.22
C MET B 100 4.43 -14.86 -2.08
N SER C 2 -31.43 0.72 2.79
CA SER C 2 -32.22 0.07 3.87
C SER C 2 -31.74 0.50 5.23
N HIS C 3 -32.65 0.54 6.20
CA HIS C 3 -32.22 0.79 7.58
C HIS C 3 -31.53 -0.44 8.18
N SER C 4 -30.61 -0.19 9.09
CA SER C 4 -29.81 -1.25 9.62
C SER C 4 -29.52 -1.02 11.08
N MET C 5 -29.40 -2.11 11.82
CA MET C 5 -28.87 -2.12 13.17
C MET C 5 -27.63 -2.92 13.16
N ARG C 6 -26.51 -2.45 13.74
CA ARG C 6 -25.28 -3.19 13.73
C ARG C 6 -24.57 -2.99 15.03
N TYR C 7 -24.02 -4.08 15.53
CA TYR C 7 -23.14 -4.02 16.71
C TYR C 7 -21.70 -4.35 16.26
N PHE C 8 -20.71 -3.64 16.88
CA PHE C 8 -19.34 -3.75 16.57
C PHE C 8 -18.59 -3.99 17.84
N ASP C 9 -18.05 -5.16 18.03
CA ASP C 9 -17.43 -5.54 19.27
C ASP C 9 -15.94 -5.75 19.03
N THR C 10 -15.09 -5.22 19.96
CA THR C 10 -13.66 -5.36 19.84
C THR C 10 -13.12 -5.87 21.17
N ALA C 11 -12.50 -7.04 21.15
CA ALA C 11 -11.83 -7.52 22.36
C ALA C 11 -10.32 -7.58 22.08
N VAL C 12 -9.49 -7.12 23.05
CA VAL C 12 -8.08 -6.99 22.81
C VAL C 12 -7.37 -7.58 24.00
N SER C 13 -6.56 -8.59 23.81
CA SER C 13 -5.82 -9.14 24.94
C SER C 13 -4.69 -8.16 25.27
N ARG C 14 -4.22 -8.24 26.46
CA ARG C 14 -3.09 -7.32 26.92
C ARG C 14 -2.30 -7.95 28.00
N PRO C 15 -1.54 -8.99 27.64
CA PRO C 15 -0.79 -9.74 28.67
C PRO C 15 0.15 -8.84 29.48
N GLY C 16 0.08 -8.97 30.79
CA GLY C 16 0.82 -8.13 31.72
C GLY C 16 0.03 -6.89 32.13
N ARG C 17 -1.11 -6.61 31.49
CA ARG C 17 -2.03 -5.51 31.88
C ARG C 17 -3.46 -6.04 32.22
N GLY C 18 -3.53 -7.29 32.75
CA GLY C 18 -4.83 -7.78 33.24
C GLY C 18 -5.52 -8.54 32.12
N GLU C 19 -6.83 -8.66 32.28
CA GLU C 19 -7.64 -9.40 31.36
C GLU C 19 -8.09 -8.53 30.19
N PRO C 20 -8.71 -9.17 29.15
CA PRO C 20 -8.85 -8.38 27.94
C PRO C 20 -9.78 -7.26 28.02
N ARG C 21 -9.52 -6.21 27.25
CA ARG C 21 -10.43 -5.13 27.14
C ARG C 21 -11.51 -5.44 26.12
N PHE C 22 -12.75 -5.23 26.46
CA PHE C 22 -13.84 -5.45 25.59
C PHE C 22 -14.61 -4.14 25.45
N ILE C 23 -14.83 -3.74 24.19
CA ILE C 23 -15.53 -2.49 23.91
C ILE C 23 -16.59 -2.86 22.85
N SER C 24 -17.77 -2.28 23.00
CA SER C 24 -18.78 -2.62 22.00
C SER C 24 -19.55 -1.32 21.74
N VAL C 25 -19.97 -1.08 20.49
CA VAL C 25 -20.80 0.04 20.18
C VAL C 25 -21.94 -0.49 19.28
N GLY C 26 -23.08 0.15 19.39
CA GLY C 26 -24.21 -0.22 18.51
C GLY C 26 -24.70 1.00 17.76
N TYR C 27 -25.10 0.76 16.50
CA TYR C 27 -25.60 1.80 15.59
C TYR C 27 -26.91 1.45 14.94
N VAL C 28 -27.72 2.42 14.69
CA VAL C 28 -28.79 2.33 13.77
C VAL C 28 -28.39 3.25 12.63
N ASP C 29 -28.25 2.69 11.42
CA ASP C 29 -27.80 3.51 10.26
C ASP C 29 -26.39 4.12 10.67
N ASP C 30 -26.27 5.41 10.47
CA ASP C 30 -25.01 6.08 10.81
C ASP C 30 -25.05 6.68 12.24
N THR C 31 -26.00 6.32 13.05
CA THR C 31 -26.14 6.92 14.36
C THR C 31 -25.84 5.94 15.48
N GLN C 32 -24.84 6.25 16.29
CA GLN C 32 -24.54 5.39 17.43
C GLN C 32 -25.62 5.56 18.49
N PHE C 33 -25.99 4.47 19.12
CA PHE C 33 -26.96 4.51 20.23
C PHE C 33 -26.52 3.93 21.55
N VAL C 34 -25.49 3.10 21.53
CA VAL C 34 -25.05 2.49 22.80
C VAL C 34 -23.55 2.24 22.77
N ARG C 35 -22.94 2.21 23.94
CA ARG C 35 -21.60 1.72 24.08
C ARG C 35 -21.46 0.90 25.32
N PHE C 36 -20.47 0.06 25.35
CA PHE C 36 -20.07 -0.62 26.57
C PHE C 36 -18.56 -0.69 26.57
N ASP C 37 -17.95 -0.36 27.70
CA ASP C 37 -16.49 -0.51 27.84
C ASP C 37 -16.08 -1.21 29.10
N SER C 38 -15.41 -2.34 28.99
CA SER C 38 -15.07 -3.19 30.14
C SER C 38 -14.16 -2.45 31.16
N ASP C 39 -13.42 -1.43 30.69
CA ASP C 39 -12.54 -0.64 31.51
C ASP C 39 -13.16 0.59 32.13
N ALA C 40 -14.40 0.91 31.87
CA ALA C 40 -15.14 2.01 32.55
C ALA C 40 -15.12 1.71 34.03
N ALA C 41 -15.15 2.77 34.81
CA ALA C 41 -15.27 2.62 36.24
C ALA C 41 -16.51 1.78 36.63
N SER C 42 -17.65 1.95 35.96
CA SER C 42 -18.81 1.09 36.22
C SER C 42 -19.24 0.51 34.89
N PRO C 43 -18.75 -0.66 34.51
CA PRO C 43 -19.07 -1.17 33.17
C PRO C 43 -20.55 -1.45 32.97
N ARG C 44 -21.12 -0.84 32.01
CA ARG C 44 -22.53 -0.84 31.79
C ARG C 44 -22.81 -0.45 30.36
N GLY C 45 -23.91 -0.92 29.83
CA GLY C 45 -24.43 -0.39 28.63
C GLY C 45 -24.86 1.01 28.90
N GLU C 46 -24.38 1.95 28.06
CA GLU C 46 -24.73 3.35 28.22
C GLU C 46 -25.37 3.92 26.99
N PRO C 47 -26.43 4.71 27.15
CA PRO C 47 -27.04 5.32 25.94
C PRO C 47 -26.16 6.32 25.27
N ARG C 48 -26.22 6.37 23.96
CA ARG C 48 -25.51 7.37 23.17
C ARG C 48 -26.41 8.18 22.20
N ALA C 49 -27.68 7.89 22.14
CA ALA C 49 -28.72 8.58 21.47
C ALA C 49 -29.89 8.79 22.36
N PRO C 50 -30.64 9.91 22.18
CA PRO C 50 -31.75 10.24 23.07
C PRO C 50 -32.90 9.24 23.00
N TRP C 51 -33.02 8.57 21.87
CA TRP C 51 -34.17 7.69 21.61
C TRP C 51 -34.00 6.26 22.20
N VAL C 52 -32.95 6.01 22.99
CA VAL C 52 -32.94 4.86 23.86
C VAL C 52 -32.74 5.26 25.32
N GLU C 53 -32.62 6.55 25.55
CA GLU C 53 -32.52 7.01 26.98
C GLU C 53 -33.78 6.86 27.73
N GLN C 54 -34.91 6.71 27.08
CA GLN C 54 -36.11 6.49 27.78
C GLN C 54 -36.46 5.00 28.00
N GLU C 55 -35.65 4.08 27.49
CA GLU C 55 -35.85 2.67 27.83
C GLU C 55 -35.65 2.52 29.35
N GLY C 56 -36.38 1.60 29.92
CA GLY C 56 -36.38 1.61 31.43
C GLY C 56 -35.07 0.94 31.94
N PRO C 57 -34.99 0.83 33.25
CA PRO C 57 -33.82 0.15 33.80
C PRO C 57 -33.82 -1.31 33.53
N GLU C 58 -34.98 -1.98 33.38
CA GLU C 58 -34.97 -3.38 33.07
C GLU C 58 -34.21 -3.58 31.73
N TYR C 59 -34.50 -2.70 30.76
CA TYR C 59 -33.88 -2.79 29.43
C TYR C 59 -32.35 -2.64 29.61
N TRP C 60 -31.95 -1.61 30.34
CA TRP C 60 -30.50 -1.22 30.29
C TRP C 60 -29.70 -2.23 31.13
N ASP C 61 -30.29 -2.67 32.21
CA ASP C 61 -29.63 -3.68 33.06
C ASP C 61 -29.55 -4.97 32.31
N ARG C 62 -30.57 -5.37 31.53
CA ARG C 62 -30.42 -6.62 30.72
C ARG C 62 -29.38 -6.48 29.65
N GLU C 63 -29.31 -5.31 29.01
CA GLU C 63 -28.27 -5.06 28.07
C GLU C 63 -26.84 -5.24 28.73
N THR C 64 -26.69 -4.62 29.89
CA THR C 64 -25.43 -4.72 30.64
C THR C 64 -25.09 -6.17 30.94
N GLN C 65 -26.08 -6.95 31.36
CA GLN C 65 -25.85 -8.38 31.62
C GLN C 65 -25.28 -9.07 30.38
N LYS C 66 -25.90 -8.81 29.23
CA LYS C 66 -25.45 -9.40 28.01
C LYS C 66 -24.05 -8.99 27.61
N TYR C 67 -23.75 -7.71 27.72
CA TYR C 67 -22.40 -7.24 27.40
C TYR C 67 -21.40 -7.94 28.31
N LYS C 68 -21.68 -7.99 29.61
CA LYS C 68 -20.72 -8.51 30.54
C LYS C 68 -20.48 -10.04 30.23
N ARG C 69 -21.53 -10.77 29.84
CA ARG C 69 -21.38 -12.20 29.52
C ARG C 69 -20.53 -12.32 28.28
N GLN C 70 -20.71 -11.46 27.28
CA GLN C 70 -19.89 -11.62 26.05
C GLN C 70 -18.43 -11.25 26.36
N ALA C 71 -18.25 -10.24 27.17
CA ALA C 71 -16.86 -9.88 27.56
C ALA C 71 -16.09 -11.03 28.27
N GLN C 72 -16.79 -11.73 29.13
CA GLN C 72 -16.25 -12.89 29.81
C GLN C 72 -15.97 -13.98 28.78
N ALA C 73 -16.90 -14.21 27.86
CA ALA C 73 -16.68 -15.23 26.81
C ALA C 73 -15.51 -14.86 25.95
N ASP C 74 -15.32 -13.57 25.69
CA ASP C 74 -14.21 -13.19 24.89
C ASP C 74 -12.86 -13.36 25.50
N ARG C 75 -12.73 -13.19 26.80
CA ARG C 75 -11.52 -13.63 27.54
C ARG C 75 -11.16 -15.07 27.17
N VAL C 76 -12.15 -15.94 27.24
CA VAL C 76 -11.93 -17.34 26.94
C VAL C 76 -11.61 -17.47 25.44
N ASN C 77 -12.34 -16.77 24.59
CA ASN C 77 -12.14 -16.86 23.15
C ASN C 77 -10.71 -16.47 22.74
N LEU C 78 -10.20 -15.41 23.35
CA LEU C 78 -8.84 -15.01 23.00
C LEU C 78 -7.84 -16.06 23.42
N ARG C 79 -8.02 -16.67 24.59
CA ARG C 79 -7.17 -17.74 25.01
C ARG C 79 -7.20 -18.92 24.05
N LYS C 80 -8.44 -19.27 23.62
CA LYS C 80 -8.61 -20.37 22.70
C LYS C 80 -7.92 -20.08 21.38
N LEU C 81 -8.07 -18.87 20.88
CA LEU C 81 -7.50 -18.47 19.58
C LEU C 81 -5.99 -18.54 19.67
N ARG C 82 -5.40 -18.04 20.74
CA ARG C 82 -3.99 -18.07 20.87
C ARG C 82 -3.44 -19.52 20.76
N GLY C 83 -4.18 -20.44 21.35
CA GLY C 83 -3.85 -21.81 21.21
C GLY C 83 -4.11 -22.39 19.81
N TYR C 84 -5.23 -22.07 19.21
CA TYR C 84 -5.58 -22.58 17.89
C TYR C 84 -4.46 -22.19 16.83
N TYR C 85 -3.92 -20.99 17.00
CA TYR C 85 -2.89 -20.47 16.09
C TYR C 85 -1.46 -20.65 16.61
N ASN C 86 -1.23 -21.26 17.77
CA ASN C 86 0.09 -21.56 18.26
C ASN C 86 0.90 -20.28 18.45
N GLN C 87 0.24 -19.28 18.94
CA GLN C 87 0.86 -17.99 19.19
C GLN C 87 1.46 -17.94 20.58
N SER C 88 2.41 -17.06 20.76
CA SER C 88 3.04 -16.93 22.08
C SER C 88 2.14 -16.12 23.02
N GLU C 89 2.48 -16.22 24.30
CA GLU C 89 1.70 -15.59 25.33
C GLU C 89 1.96 -14.09 25.46
N ASP C 90 2.95 -13.58 24.74
CA ASP C 90 3.55 -12.28 25.00
C ASP C 90 2.71 -11.21 24.25
N GLY C 91 2.09 -11.60 23.12
CA GLY C 91 1.51 -10.64 22.17
C GLY C 91 0.12 -10.25 22.55
N SER C 92 -0.25 -9.03 22.07
CA SER C 92 -1.63 -8.59 22.12
C SER C 92 -2.34 -9.04 20.82
N HIS C 93 -3.56 -9.55 20.95
CA HIS C 93 -4.31 -9.98 19.82
C HIS C 93 -5.72 -9.39 19.91
N THR C 94 -6.42 -9.38 18.75
CA THR C 94 -7.70 -8.71 18.60
C THR C 94 -8.76 -9.62 18.03
N LEU C 95 -9.89 -9.70 18.68
CA LEU C 95 -11.08 -10.39 18.13
C LEU C 95 -12.11 -9.36 17.89
N GLN C 96 -12.60 -9.24 16.68
CA GLN C 96 -13.66 -8.28 16.34
C GLN C 96 -14.84 -9.10 15.86
N TRP C 97 -16.01 -8.62 16.25
CA TRP C 97 -17.27 -9.21 15.88
C TRP C 97 -18.21 -8.15 15.35
N MET C 98 -18.98 -8.46 14.31
CA MET C 98 -20.01 -7.49 13.86
C MET C 98 -21.25 -8.37 13.62
N TYR C 99 -22.39 -7.95 14.17
CA TYR C 99 -23.62 -8.62 13.82
C TYR C 99 -24.75 -7.63 13.74
N GLY C 100 -25.79 -7.98 13.06
CA GLY C 100 -26.93 -7.11 13.01
C GLY C 100 -27.84 -7.48 11.83
N CYS C 101 -28.69 -6.55 11.49
CA CYS C 101 -29.76 -6.81 10.50
C CYS C 101 -30.04 -5.58 9.66
N ASP C 102 -30.46 -5.80 8.45
CA ASP C 102 -31.02 -4.82 7.56
C ASP C 102 -32.49 -5.07 7.40
N LEU C 103 -33.26 -3.99 7.34
CA LEU C 103 -34.70 -3.99 7.35
C LEU C 103 -35.21 -3.80 5.96
N GLY C 104 -36.14 -4.66 5.58
CA GLY C 104 -36.86 -4.49 4.31
C GLY C 104 -38.08 -3.58 4.35
N PRO C 105 -38.74 -3.37 3.18
CA PRO C 105 -39.89 -2.44 3.23
C PRO C 105 -41.10 -3.02 3.97
N ASP C 106 -41.13 -4.34 4.14
CA ASP C 106 -42.16 -5.03 4.95
C ASP C 106 -41.87 -5.03 6.45
N GLY C 107 -40.76 -4.39 6.85
CA GLY C 107 -40.31 -4.42 8.24
C GLY C 107 -39.74 -5.73 8.70
N ARG C 108 -39.42 -6.62 7.77
CA ARG C 108 -38.76 -7.89 8.13
C ARG C 108 -37.33 -7.95 7.68
N LEU C 109 -36.66 -9.05 8.03
CA LEU C 109 -35.23 -9.11 7.77
C LEU C 109 -34.96 -9.13 6.28
N LEU C 110 -34.16 -8.21 5.81
CA LEU C 110 -33.61 -8.23 4.43
C LEU C 110 -32.31 -8.97 4.31
N ARG C 111 -31.42 -8.73 5.22
CA ARG C 111 -30.17 -9.46 5.29
C ARG C 111 -29.69 -9.46 6.75
N GLY C 112 -29.12 -10.58 7.19
CA GLY C 112 -28.51 -10.61 8.50
C GLY C 112 -27.04 -10.85 8.45
N TYR C 113 -26.36 -10.50 9.54
CA TYR C 113 -24.93 -10.52 9.63
C TYR C 113 -24.47 -11.05 10.93
N ASP C 114 -23.43 -11.90 10.91
CA ASP C 114 -22.76 -12.35 12.08
C ASP C 114 -21.39 -12.79 11.71
N GLN C 115 -20.35 -11.93 11.91
CA GLN C 115 -19.06 -12.27 11.27
C GLN C 115 -17.97 -11.68 12.17
N SER C 116 -16.77 -12.22 11.91
CA SER C 116 -15.64 -11.97 12.83
C SER C 116 -14.29 -11.92 12.12
N ALA C 117 -13.30 -11.30 12.85
CA ALA C 117 -11.97 -11.15 12.42
C ALA C 117 -11.06 -11.34 13.61
N TYR C 118 -9.96 -12.04 13.37
CA TYR C 118 -8.94 -12.20 14.33
C TYR C 118 -7.70 -11.56 13.79
N ASP C 119 -7.10 -10.67 14.63
CA ASP C 119 -5.97 -9.93 14.15
C ASP C 119 -6.17 -9.22 12.77
N GLY C 120 -7.34 -8.78 12.54
CA GLY C 120 -7.64 -7.89 11.43
C GLY C 120 -8.03 -8.67 10.16
N LYS C 121 -8.10 -10.01 10.26
CA LYS C 121 -8.56 -10.76 9.14
C LYS C 121 -9.64 -11.74 9.45
N ASP C 122 -10.42 -12.03 8.38
CA ASP C 122 -11.62 -12.80 8.60
C ASP C 122 -11.31 -14.09 9.35
N TYR C 123 -12.21 -14.44 10.26
CA TYR C 123 -12.13 -15.69 11.03
C TYR C 123 -13.32 -16.56 10.62
N ILE C 124 -14.50 -16.24 11.14
CA ILE C 124 -15.72 -17.04 10.73
C ILE C 124 -16.86 -16.13 10.50
N ALA C 125 -17.69 -16.45 9.51
CA ALA C 125 -18.83 -15.62 9.25
C ALA C 125 -20.02 -16.54 8.92
N LEU C 126 -21.20 -16.07 9.36
CA LEU C 126 -22.44 -16.69 8.90
C LEU C 126 -22.73 -16.28 7.46
N ASN C 127 -23.08 -17.25 6.65
CA ASN C 127 -23.35 -17.01 5.22
C ASN C 127 -24.74 -16.33 5.11
N GLU C 128 -24.97 -15.82 3.92
CA GLU C 128 -26.24 -15.08 3.62
C GLU C 128 -27.47 -15.92 3.79
N ASP C 129 -27.32 -17.24 3.58
CA ASP C 129 -28.33 -18.22 3.85
C ASP C 129 -28.80 -18.33 5.31
N LEU C 130 -27.97 -17.86 6.21
CA LEU C 130 -28.25 -17.88 7.70
C LEU C 130 -28.33 -19.32 8.17
N ARG C 131 -27.59 -20.18 7.45
CA ARG C 131 -27.59 -21.60 7.69
C ARG C 131 -26.24 -22.24 7.68
N SER C 132 -25.21 -21.66 7.08
CA SER C 132 -23.93 -22.27 6.89
C SER C 132 -22.90 -21.18 7.19
N TRP C 133 -21.64 -21.63 7.38
CA TRP C 133 -20.59 -20.76 7.87
C TRP C 133 -19.47 -20.74 6.88
N THR C 134 -18.77 -19.67 6.78
CA THR C 134 -17.53 -19.55 6.08
C THR C 134 -16.40 -19.39 7.12
N ALA C 135 -15.57 -20.43 7.19
CA ALA C 135 -14.42 -20.44 8.02
C ALA C 135 -13.26 -20.11 7.14
N ALA C 136 -12.53 -19.10 7.57
CA ALA C 136 -11.40 -18.62 6.81
C ALA C 136 -10.16 -19.43 6.75
N ASP C 137 -9.93 -20.36 7.66
CA ASP C 137 -8.72 -21.13 7.68
C ASP C 137 -8.98 -22.30 8.59
N THR C 138 -7.96 -23.10 8.75
CA THR C 138 -8.03 -24.31 9.56
C THR C 138 -8.41 -24.10 11.00
N ALA C 139 -7.90 -23.04 11.61
CA ALA C 139 -8.28 -22.78 12.98
C ALA C 139 -9.77 -22.46 13.13
N ALA C 140 -10.30 -21.63 12.22
CA ALA C 140 -11.69 -21.38 12.20
C ALA C 140 -12.61 -22.54 11.97
N GLN C 141 -12.12 -23.56 11.26
CA GLN C 141 -12.87 -24.83 11.13
C GLN C 141 -13.16 -25.52 12.47
N ILE C 142 -12.33 -25.23 13.46
CA ILE C 142 -12.57 -25.72 14.77
C ILE C 142 -13.89 -25.18 15.31
N THR C 143 -14.04 -23.86 15.24
CA THR C 143 -15.27 -23.22 15.70
C THR C 143 -16.41 -23.63 14.80
N GLN C 144 -16.14 -23.68 13.49
CA GLN C 144 -17.20 -24.17 12.56
C GLN C 144 -17.84 -25.47 12.90
N ARG C 145 -17.00 -26.50 13.11
CA ARG C 145 -17.54 -27.83 13.34
C ARG C 145 -18.30 -27.84 14.66
N LYS C 146 -17.79 -27.10 15.65
CA LYS C 146 -18.50 -26.94 16.93
C LYS C 146 -19.89 -26.32 16.73
N TRP C 147 -19.95 -25.29 15.93
CA TRP C 147 -21.17 -24.56 15.80
C TRP C 147 -22.17 -25.30 14.89
N GLU C 148 -21.62 -26.05 13.96
CA GLU C 148 -22.52 -26.93 13.09
C GLU C 148 -23.21 -27.96 13.98
N ALA C 149 -22.44 -28.59 14.87
CA ALA C 149 -23.03 -29.62 15.71
C ALA C 149 -24.06 -28.99 16.72
N ALA C 150 -23.84 -27.79 17.15
CA ALA C 150 -24.66 -27.13 18.18
C ALA C 150 -25.84 -26.27 17.65
N ARG C 151 -26.20 -26.38 16.41
CA ARG C 151 -27.36 -25.60 15.87
C ARG C 151 -27.19 -24.11 15.97
N GLU C 152 -25.97 -23.63 15.99
CA GLU C 152 -25.74 -22.21 16.20
C GLU C 152 -26.39 -21.33 15.14
N ALA C 153 -26.29 -21.75 13.88
CA ALA C 153 -26.89 -20.94 12.79
C ALA C 153 -28.37 -20.79 12.96
N GLU C 154 -29.07 -21.88 13.31
CA GLU C 154 -30.50 -21.85 13.53
C GLU C 154 -30.87 -20.81 14.65
N GLN C 155 -30.04 -20.76 15.70
CA GLN C 155 -30.31 -19.85 16.82
C GLN C 155 -30.11 -18.37 16.33
N TRP C 156 -29.01 -18.18 15.64
CA TRP C 156 -28.71 -16.85 15.10
C TRP C 156 -29.82 -16.43 14.12
N ARG C 157 -30.22 -17.33 13.27
CA ARG C 157 -31.27 -17.06 12.32
C ARG C 157 -32.51 -16.57 13.01
N ALA C 158 -32.94 -17.26 14.04
CA ALA C 158 -34.13 -16.85 14.75
C ALA C 158 -33.99 -15.42 15.41
N TYR C 159 -32.83 -15.14 16.00
CA TYR C 159 -32.55 -13.80 16.52
C TYR C 159 -32.59 -12.76 15.40
N LEU C 160 -31.96 -13.05 14.26
CA LEU C 160 -31.83 -12.01 13.16
C LEU C 160 -33.19 -11.75 12.50
N GLU C 161 -33.96 -12.80 12.31
CA GLU C 161 -35.28 -12.68 11.70
C GLU C 161 -36.31 -12.06 12.59
N GLY C 162 -36.19 -12.27 13.87
CA GLY C 162 -37.12 -11.89 14.86
C GLY C 162 -36.75 -10.67 15.65
N THR C 163 -36.11 -10.91 16.79
CA THR C 163 -35.73 -9.92 17.74
C THR C 163 -34.94 -8.75 17.14
N CYS C 164 -33.95 -9.06 16.32
CA CYS C 164 -33.06 -8.02 15.77
C CYS C 164 -33.90 -6.98 15.02
N VAL C 165 -34.77 -7.49 14.12
CA VAL C 165 -35.60 -6.54 13.41
C VAL C 165 -36.69 -5.86 14.21
N GLU C 166 -37.20 -6.57 15.21
CA GLU C 166 -38.18 -5.98 16.09
C GLU C 166 -37.58 -4.76 16.78
N TRP C 167 -36.42 -4.93 17.34
CA TRP C 167 -35.72 -3.81 17.99
C TRP C 167 -35.35 -2.63 17.06
N LEU C 168 -34.89 -2.97 15.90
CA LEU C 168 -34.65 -1.97 14.84
C LEU C 168 -35.91 -1.20 14.57
N ARG C 169 -37.03 -1.87 14.33
CA ARG C 169 -38.25 -1.16 14.11
C ARG C 169 -38.63 -0.20 15.29
N ARG C 170 -38.45 -0.68 16.51
CA ARG C 170 -38.74 0.12 17.70
C ARG C 170 -37.84 1.35 17.74
N TYR C 171 -36.59 1.15 17.50
CA TYR C 171 -35.58 2.24 17.50
C TYR C 171 -35.95 3.28 16.44
N LEU C 172 -36.26 2.80 15.23
CA LEU C 172 -36.64 3.70 14.15
C LEU C 172 -37.86 4.48 14.49
N GLU C 173 -38.88 3.85 15.12
CA GLU C 173 -40.03 4.64 15.54
C GLU C 173 -39.71 5.70 16.64
N ASN C 174 -39.06 5.22 17.69
CA ASN C 174 -38.67 6.14 18.78
C ASN C 174 -37.75 7.24 18.35
N GLY C 175 -36.91 7.00 17.37
CA GLY C 175 -36.02 7.99 16.87
C GLY C 175 -36.37 8.58 15.52
N LYS C 176 -37.60 8.47 15.12
CA LYS C 176 -37.98 8.80 13.72
C LYS C 176 -37.64 10.17 13.31
N GLU C 177 -37.80 11.11 14.24
CA GLU C 177 -37.56 12.53 13.95
C GLU C 177 -36.13 12.78 13.51
N THR C 178 -35.19 11.92 13.86
CA THR C 178 -33.82 12.08 13.39
C THR C 178 -33.37 10.96 12.43
N LEU C 179 -33.69 9.70 12.77
CA LEU C 179 -33.29 8.60 11.96
C LEU C 179 -34.01 8.55 10.58
N GLN C 180 -35.22 8.98 10.49
CA GLN C 180 -35.99 8.81 9.30
C GLN C 180 -36.09 10.11 8.48
N ARG C 181 -35.10 10.97 8.63
CA ARG C 181 -35.01 12.11 7.74
C ARG C 181 -33.55 12.34 7.48
N ALA C 182 -33.33 13.16 6.48
CA ALA C 182 -31.95 13.51 6.10
C ALA C 182 -31.77 15.00 6.44
N GLU C 183 -30.58 15.35 6.80
CA GLU C 183 -30.15 16.73 6.98
C GLU C 183 -29.30 17.10 5.74
N HIS C 184 -29.75 18.09 4.97
CA HIS C 184 -29.07 18.41 3.71
C HIS C 184 -27.71 19.01 3.95
N PRO C 185 -26.77 18.79 3.02
CA PRO C 185 -25.43 19.44 3.19
C PRO C 185 -25.50 20.95 2.91
N LYS C 186 -24.86 21.71 3.80
CA LYS C 186 -24.67 23.13 3.62
C LYS C 186 -23.38 23.21 2.75
N THR C 187 -23.51 23.82 1.62
CA THR C 187 -22.48 23.79 0.59
C THR C 187 -21.90 25.16 0.23
N HIS C 188 -20.59 25.23 -0.05
CA HIS C 188 -20.01 26.50 -0.54
C HIS C 188 -18.72 26.18 -1.18
N VAL C 189 -18.16 27.18 -1.90
CA VAL C 189 -16.87 26.98 -2.58
C VAL C 189 -15.92 28.03 -1.96
N THR C 190 -14.72 27.62 -1.72
CA THR C 190 -13.68 28.55 -1.32
C THR C 190 -12.56 28.50 -2.37
N HIS C 191 -11.77 29.57 -2.32
CA HIS C 191 -10.76 29.87 -3.36
C HIS C 191 -9.48 30.15 -2.63
N HIS C 192 -8.38 29.50 -2.99
CA HIS C 192 -7.14 29.65 -2.22
C HIS C 192 -6.02 29.77 -3.24
N PRO C 193 -5.51 30.99 -3.44
CA PRO C 193 -4.38 31.17 -4.44
C PRO C 193 -3.20 30.29 -4.01
N VAL C 194 -2.61 29.56 -4.92
CA VAL C 194 -1.32 28.90 -4.68
C VAL C 194 -0.18 29.79 -5.06
N SER C 195 -0.38 30.60 -6.11
CA SER C 195 0.50 31.71 -6.48
C SER C 195 -0.42 32.69 -7.17
N ASP C 196 0.18 33.70 -7.78
CA ASP C 196 -0.55 34.60 -8.67
C ASP C 196 -1.17 33.86 -9.88
N HIS C 197 -0.74 32.59 -10.14
CA HIS C 197 -0.99 31.88 -11.40
C HIS C 197 -1.79 30.58 -11.32
N GLU C 198 -2.14 30.17 -10.14
CA GLU C 198 -2.99 29.00 -9.93
C GLU C 198 -3.73 29.26 -8.67
N ALA C 199 -4.85 28.56 -8.56
CA ALA C 199 -5.65 28.62 -7.34
C ALA C 199 -6.34 27.26 -7.10
N THR C 200 -6.54 26.96 -5.86
CA THR C 200 -7.34 25.81 -5.47
C THR C 200 -8.79 26.25 -5.31
N LEU C 201 -9.72 25.57 -6.00
CA LEU C 201 -11.15 25.69 -5.70
C LEU C 201 -11.56 24.50 -4.85
N ARG C 202 -12.22 24.73 -3.71
CA ARG C 202 -12.63 23.66 -2.84
C ARG C 202 -14.08 23.77 -2.59
N CYS C 203 -14.77 22.68 -2.82
CA CYS C 203 -16.21 22.57 -2.73
C CYS C 203 -16.50 21.82 -1.44
N TRP C 204 -17.23 22.43 -0.56
CA TRP C 204 -17.52 21.95 0.77
C TRP C 204 -18.94 21.47 0.93
N ALA C 205 -19.13 20.31 1.64
CA ALA C 205 -20.42 19.88 2.05
C ALA C 205 -20.30 19.66 3.60
N LEU C 206 -21.11 20.38 4.37
CA LEU C 206 -21.05 20.35 5.80
C LEU C 206 -22.40 20.05 6.49
N GLY C 207 -22.36 19.36 7.63
CA GLY C 207 -23.56 19.29 8.49
C GLY C 207 -24.60 18.30 7.96
N PHE C 208 -24.18 17.31 7.12
CA PHE C 208 -25.16 16.45 6.47
C PHE C 208 -25.32 15.08 7.13
N TYR C 209 -26.48 14.44 6.91
CA TYR C 209 -26.82 13.13 7.47
C TYR C 209 -27.84 12.57 6.49
N PRO C 210 -27.71 11.33 6.08
CA PRO C 210 -26.68 10.37 6.44
C PRO C 210 -25.36 10.63 5.70
N ALA C 211 -24.33 9.80 6.00
CA ALA C 211 -22.96 10.09 5.58
C ALA C 211 -22.83 9.95 4.03
N GLU C 212 -23.63 9.14 3.39
CA GLU C 212 -23.50 8.88 1.92
C GLU C 212 -23.66 10.21 1.16
N ILE C 213 -22.73 10.51 0.29
CA ILE C 213 -22.77 11.78 -0.48
C ILE C 213 -21.95 11.60 -1.74
N THR C 214 -22.20 12.39 -2.78
CA THR C 214 -21.25 12.44 -3.93
C THR C 214 -20.94 13.91 -4.20
N LEU C 215 -19.65 14.21 -4.34
CA LEU C 215 -19.16 15.56 -4.54
C LEU C 215 -18.16 15.47 -5.66
N THR C 216 -18.38 16.20 -6.74
CA THR C 216 -17.48 16.11 -7.91
C THR C 216 -17.25 17.52 -8.47
N TRP C 217 -16.13 17.69 -9.19
CA TRP C 217 -15.86 18.90 -9.93
C TRP C 217 -15.87 18.58 -11.39
N GLN C 218 -16.42 19.47 -12.20
CA GLN C 218 -16.40 19.33 -13.65
C GLN C 218 -15.72 20.57 -14.21
N ARG C 219 -15.01 20.43 -15.34
CA ARG C 219 -14.45 21.58 -16.08
C ARG C 219 -15.17 21.59 -17.44
N ASP C 220 -15.82 22.67 -17.83
CA ASP C 220 -16.65 22.68 -19.10
C ASP C 220 -17.65 21.50 -19.16
N GLY C 221 -18.19 21.13 -18.00
CA GLY C 221 -19.16 20.05 -17.93
C GLY C 221 -18.55 18.66 -18.01
N GLU C 222 -17.22 18.54 -17.92
CA GLU C 222 -16.48 17.25 -17.97
C GLU C 222 -15.95 16.87 -16.56
N ASP C 223 -16.21 15.65 -16.12
CA ASP C 223 -15.71 15.18 -14.82
C ASP C 223 -14.20 15.26 -14.71
N GLN C 224 -13.70 15.76 -13.60
CA GLN C 224 -12.25 15.89 -13.38
C GLN C 224 -11.82 14.80 -12.43
N THR C 225 -12.13 13.55 -12.77
CA THR C 225 -12.01 12.45 -11.75
C THR C 225 -10.51 12.34 -11.29
N GLN C 226 -9.63 12.34 -12.29
CA GLN C 226 -8.20 12.22 -11.99
C GLN C 226 -7.52 13.41 -11.34
N ASP C 227 -8.16 14.57 -11.38
CA ASP C 227 -7.52 15.86 -10.94
C ASP C 227 -8.17 16.40 -9.70
N THR C 228 -9.10 15.64 -9.16
CA THR C 228 -9.83 16.09 -7.93
C THR C 228 -9.20 15.41 -6.73
N GLU C 229 -8.88 16.22 -5.74
CA GLU C 229 -8.56 15.70 -4.40
C GLU C 229 -9.87 15.62 -3.59
N LEU C 230 -10.16 14.42 -3.10
CA LEU C 230 -11.43 14.24 -2.40
C LEU C 230 -11.08 13.66 -1.03
N VAL C 231 -11.46 14.33 0.07
CA VAL C 231 -11.16 13.71 1.37
C VAL C 231 -12.24 12.70 1.70
N GLU C 232 -11.90 11.81 2.59
CA GLU C 232 -12.83 10.85 3.09
C GLU C 232 -13.86 11.55 3.95
N THR C 233 -15.11 11.09 3.83
CA THR C 233 -16.17 11.70 4.58
C THR C 233 -15.87 11.50 6.06
N ARG C 234 -16.06 12.53 6.84
CA ARG C 234 -15.56 12.63 8.21
C ARG C 234 -16.67 13.09 9.17
N PRO C 235 -16.65 12.63 10.39
CA PRO C 235 -17.72 13.01 11.35
C PRO C 235 -17.51 14.41 11.90
N ALA C 236 -18.57 15.21 11.96
CA ALA C 236 -18.41 16.56 12.60
C ALA C 236 -18.29 16.46 14.10
N GLY C 237 -18.82 15.42 14.71
CA GLY C 237 -18.74 15.21 16.14
C GLY C 237 -20.07 15.49 16.81
N ASP C 238 -21.08 15.94 16.06
CA ASP C 238 -22.41 16.20 16.55
C ASP C 238 -23.47 15.29 15.86
N GLY C 239 -23.05 14.22 15.19
CA GLY C 239 -23.97 13.29 14.51
C GLY C 239 -24.08 13.60 13.03
N THR C 240 -23.45 14.61 12.53
CA THR C 240 -23.46 15.00 11.11
C THR C 240 -22.06 14.80 10.51
N PHE C 241 -21.99 14.89 9.19
CA PHE C 241 -20.75 14.58 8.45
C PHE C 241 -20.35 15.68 7.57
N GLN C 242 -19.08 15.60 7.15
CA GLN C 242 -18.40 16.62 6.37
C GLN C 242 -17.64 15.96 5.23
N LYS C 243 -17.55 16.68 4.08
CA LYS C 243 -16.63 16.23 2.99
C LYS C 243 -16.24 17.46 2.15
N TRP C 244 -15.09 17.43 1.54
CA TRP C 244 -14.79 18.43 0.52
C TRP C 244 -14.06 17.79 -0.66
N ALA C 245 -14.11 18.48 -1.82
CA ALA C 245 -13.43 18.07 -3.01
C ALA C 245 -12.67 19.30 -3.55
N ALA C 246 -11.47 19.14 -4.03
CA ALA C 246 -10.71 20.32 -4.54
C ALA C 246 -10.01 20.04 -5.86
N VAL C 247 -9.89 21.09 -6.60
CA VAL C 247 -9.10 21.11 -7.87
C VAL C 247 -8.20 22.30 -7.90
N VAL C 248 -7.05 22.11 -8.55
CA VAL C 248 -6.08 23.24 -8.75
C VAL C 248 -6.26 23.74 -10.17
N VAL C 249 -6.54 25.01 -10.31
CA VAL C 249 -6.92 25.56 -11.59
C VAL C 249 -6.00 26.73 -11.97
N PRO C 250 -5.80 26.88 -13.26
CA PRO C 250 -5.01 28.01 -13.69
C PRO C 250 -5.79 29.31 -13.45
N SER C 251 -5.05 30.31 -12.95
CA SER C 251 -5.68 31.61 -12.66
C SER C 251 -6.29 32.17 -13.91
N GLY C 252 -7.55 32.57 -13.81
CA GLY C 252 -8.37 33.05 -14.97
C GLY C 252 -9.33 31.99 -15.54
N GLU C 253 -9.21 30.73 -15.13
CA GLU C 253 -10.04 29.67 -15.65
C GLU C 253 -11.04 29.25 -14.62
N GLU C 254 -11.05 29.86 -13.42
CA GLU C 254 -12.03 29.43 -12.38
C GLU C 254 -13.48 29.24 -12.89
N GLN C 255 -13.91 30.11 -13.84
CA GLN C 255 -15.27 30.10 -14.33
C GLN C 255 -15.61 28.87 -15.17
N ARG C 256 -14.65 28.04 -15.59
CA ARG C 256 -14.96 26.80 -16.30
C ARG C 256 -15.39 25.69 -15.34
N TYR C 257 -15.21 25.85 -14.02
CA TYR C 257 -15.35 24.75 -13.10
C TYR C 257 -16.69 24.86 -12.34
N THR C 258 -17.35 23.69 -12.16
CA THR C 258 -18.54 23.58 -11.40
C THR C 258 -18.40 22.40 -10.46
N CYS C 259 -18.96 22.58 -9.27
CA CYS C 259 -18.97 21.57 -8.21
C CYS C 259 -20.41 21.01 -8.18
N HIS C 260 -20.53 19.68 -8.05
CA HIS C 260 -21.81 18.98 -8.15
C HIS C 260 -22.03 18.16 -6.88
N VAL C 261 -23.20 18.30 -6.26
CA VAL C 261 -23.44 17.70 -4.94
C VAL C 261 -24.67 16.89 -5.03
N GLN C 262 -24.57 15.59 -4.71
CA GLN C 262 -25.76 14.76 -4.55
C GLN C 262 -25.88 14.20 -3.16
N HIS C 263 -27.08 14.26 -2.60
CA HIS C 263 -27.28 13.79 -1.22
C HIS C 263 -28.77 13.64 -1.06
N GLU C 264 -29.15 12.69 -0.25
CA GLU C 264 -30.57 12.35 -0.03
C GLU C 264 -31.39 13.54 0.45
N GLY C 265 -30.80 14.47 1.17
CA GLY C 265 -31.51 15.62 1.75
C GLY C 265 -31.66 16.76 0.78
N LEU C 266 -31.16 16.64 -0.44
CA LEU C 266 -31.37 17.62 -1.49
C LEU C 266 -32.46 17.07 -2.46
N PRO C 267 -33.53 17.83 -2.65
CA PRO C 267 -34.52 17.52 -3.74
C PRO C 267 -33.91 17.25 -5.17
N GLU C 268 -32.89 17.98 -5.55
CA GLU C 268 -32.26 17.88 -6.85
C GLU C 268 -30.77 17.99 -6.61
N PRO C 269 -29.92 17.35 -7.43
CA PRO C 269 -28.47 17.60 -7.32
C PRO C 269 -28.17 19.13 -7.48
N LEU C 270 -27.21 19.58 -6.72
CA LEU C 270 -26.83 20.99 -6.70
C LEU C 270 -25.65 21.19 -7.57
N THR C 271 -25.57 22.37 -8.24
CA THR C 271 -24.30 22.77 -8.86
C THR C 271 -23.92 24.11 -8.26
N LEU C 272 -22.65 24.24 -7.93
CA LEU C 272 -22.07 25.53 -7.47
C LEU C 272 -20.98 25.95 -8.40
N ARG C 273 -20.84 27.27 -8.51
CA ARG C 273 -19.69 27.79 -9.23
C ARG C 273 -19.06 28.88 -8.36
N TRP C 274 -17.82 29.16 -8.63
CA TRP C 274 -17.10 30.31 -7.93
C TRP C 274 -17.53 31.62 -8.57
N MET D 1 0.76 -10.80 11.76
CA MET D 1 -0.43 -9.96 11.60
C MET D 1 -0.09 -8.61 10.90
N ILE D 2 -0.82 -8.37 9.86
CA ILE D 2 -0.63 -7.21 9.00
C ILE D 2 -1.36 -6.04 9.69
N GLN D 3 -0.61 -4.94 9.69
CA GLN D 3 -1.03 -3.72 10.34
C GLN D 3 -1.36 -2.70 9.28
N ARG D 4 -2.25 -1.82 9.60
CA ARG D 4 -2.68 -0.82 8.64
C ARG D 4 -2.43 0.56 9.25
N THR D 5 -1.90 1.44 8.43
CA THR D 5 -1.49 2.76 8.89
C THR D 5 -2.72 3.75 8.97
N PRO D 6 -2.84 4.55 9.97
CA PRO D 6 -3.94 5.47 10.08
C PRO D 6 -3.92 6.63 9.09
N LYS D 7 -5.07 6.93 8.51
CA LYS D 7 -5.35 8.17 7.88
C LYS D 7 -5.72 9.16 8.91
N ILE D 8 -5.35 10.44 8.68
CA ILE D 8 -5.55 11.45 9.68
C ILE D 8 -6.18 12.71 8.98
N GLN D 9 -7.17 13.28 9.61
CA GLN D 9 -7.68 14.62 9.21
C GLN D 9 -7.90 15.40 10.49
N VAL D 10 -7.58 16.68 10.41
CA VAL D 10 -7.69 17.67 11.46
C VAL D 10 -8.61 18.80 10.96
N TYR D 11 -9.64 19.19 11.71
CA TYR D 11 -10.68 20.07 11.24
C TYR D 11 -11.56 20.50 12.37
N SER D 12 -12.38 21.54 12.15
CA SER D 12 -13.31 21.95 13.16
C SER D 12 -14.70 21.45 12.88
N ARG D 13 -15.45 21.36 13.94
CA ARG D 13 -16.83 20.91 13.88
C ARG D 13 -17.66 21.90 13.05
N HIS D 14 -17.59 23.18 13.45
CA HIS D 14 -18.25 24.27 12.73
C HIS D 14 -17.22 25.13 11.97
N PRO D 15 -17.69 25.91 10.98
CA PRO D 15 -16.79 26.80 10.30
C PRO D 15 -16.03 27.72 11.27
N ALA D 16 -14.76 27.86 11.07
CA ALA D 16 -13.94 28.59 12.07
C ALA D 16 -14.28 30.07 12.00
N GLU D 17 -14.58 30.68 13.16
CA GLU D 17 -14.68 32.12 13.31
C GLU D 17 -13.89 32.49 14.56
N ASN D 18 -12.89 33.33 14.35
CA ASN D 18 -12.11 33.90 15.49
C ASN D 18 -13.00 34.41 16.61
N GLY D 19 -12.75 33.92 17.83
CA GLY D 19 -13.55 34.25 19.02
C GLY D 19 -14.90 33.58 19.25
N LYS D 20 -15.32 32.63 18.38
CA LYS D 20 -16.59 31.89 18.57
C LYS D 20 -16.18 30.47 19.01
N SER D 21 -16.84 29.98 20.06
CA SER D 21 -16.55 28.65 20.60
C SER D 21 -16.92 27.58 19.55
N ASN D 22 -16.13 26.50 19.48
CA ASN D 22 -16.14 25.51 18.41
C ASN D 22 -15.54 24.21 19.00
N PHE D 23 -15.36 23.20 18.15
CA PHE D 23 -14.65 21.98 18.58
C PHE D 23 -13.59 21.68 17.53
N LEU D 24 -12.43 21.32 18.01
CA LEU D 24 -11.31 20.91 17.15
C LEU D 24 -11.28 19.39 17.13
N ASN D 25 -11.29 18.83 15.92
CA ASN D 25 -11.39 17.39 15.68
C ASN D 25 -10.11 16.82 15.04
N CYS D 26 -9.75 15.62 15.49
CA CYS D 26 -8.70 14.84 14.82
C CYS D 26 -9.31 13.40 14.59
N TYR D 27 -9.59 13.10 13.35
CA TYR D 27 -10.22 11.87 12.92
C TYR D 27 -9.09 10.96 12.39
N VAL D 28 -9.01 9.78 13.02
CA VAL D 28 -8.02 8.78 12.69
C VAL D 28 -8.79 7.56 12.22
N SER D 29 -8.46 7.03 11.07
CA SER D 29 -9.24 5.94 10.48
C SER D 29 -8.35 4.98 9.70
N GLY D 30 -8.91 3.78 9.40
CA GLY D 30 -8.25 2.89 8.50
C GLY D 30 -7.11 2.13 9.16
N PHE D 31 -6.99 2.15 10.47
CA PHE D 31 -5.84 1.56 11.18
C PHE D 31 -6.09 0.23 11.83
N HIS D 32 -5.01 -0.50 12.05
CA HIS D 32 -5.01 -1.79 12.75
C HIS D 32 -3.59 -2.07 13.17
N PRO D 33 -3.31 -2.47 14.41
CA PRO D 33 -4.26 -2.72 15.51
C PRO D 33 -4.85 -1.49 16.11
N SER D 34 -5.72 -1.70 17.14
CA SER D 34 -6.51 -0.62 17.66
C SER D 34 -5.77 0.35 18.60
N ASP D 35 -4.65 -0.02 19.13
CA ASP D 35 -3.92 0.88 20.08
C ASP D 35 -3.33 2.03 19.26
N ILE D 36 -3.64 3.24 19.69
CA ILE D 36 -3.20 4.43 18.95
C ILE D 36 -3.06 5.59 19.99
N GLU D 37 -2.12 6.50 19.78
CA GLU D 37 -1.94 7.61 20.71
C GLU D 37 -2.29 8.81 19.88
N VAL D 38 -3.21 9.63 20.35
CA VAL D 38 -3.61 10.79 19.52
C VAL D 38 -3.66 11.95 20.51
N ASP D 39 -2.83 12.97 20.26
CA ASP D 39 -2.90 14.20 21.03
C ASP D 39 -3.32 15.37 20.18
N LEU D 40 -4.11 16.25 20.74
CA LEU D 40 -4.40 17.57 20.13
C LEU D 40 -3.38 18.55 20.75
N LEU D 41 -2.80 19.43 19.90
CA LEU D 41 -1.80 20.37 20.30
C LEU D 41 -2.24 21.79 20.09
N LYS D 42 -1.88 22.66 21.05
CA LYS D 42 -2.07 24.09 20.90
C LYS D 42 -0.68 24.68 20.95
N ASN D 43 -0.22 25.38 19.90
CA ASN D 43 1.16 25.92 19.84
C ASN D 43 2.20 24.88 20.30
N GLY D 44 2.05 23.65 19.76
CA GLY D 44 3.03 22.55 20.09
C GLY D 44 2.92 21.81 21.48
N GLU D 45 1.95 22.32 22.31
CA GLU D 45 1.66 21.72 23.70
C GLU D 45 0.35 20.85 23.72
N ARG D 46 0.46 19.66 24.34
CA ARG D 46 -0.71 18.80 24.49
C ARG D 46 -1.86 19.49 25.21
N ILE D 47 -3.04 19.48 24.62
CA ILE D 47 -4.25 19.96 25.27
C ILE D 47 -4.74 18.90 26.23
N GLU D 48 -5.11 19.29 27.45
CA GLU D 48 -5.48 18.25 28.43
C GLU D 48 -6.93 17.81 28.31
N LYS D 49 -7.86 18.68 27.95
CA LYS D 49 -9.28 18.24 28.03
C LYS D 49 -9.61 17.65 26.66
N VAL D 50 -9.16 16.44 26.33
CA VAL D 50 -9.47 15.88 25.00
C VAL D 50 -10.31 14.63 25.20
N GLU D 51 -11.40 14.55 24.50
CA GLU D 51 -12.21 13.32 24.57
C GLU D 51 -12.19 12.58 23.23
N HIS D 52 -12.66 11.31 23.22
CA HIS D 52 -12.68 10.64 21.98
C HIS D 52 -13.94 9.78 21.92
N SER D 53 -14.29 9.51 20.69
CA SER D 53 -15.49 8.65 20.40
C SER D 53 -15.11 7.22 20.80
N ASP D 54 -16.17 6.40 20.86
CA ASP D 54 -15.98 5.01 21.21
C ASP D 54 -15.41 4.21 20.03
N LEU D 55 -14.47 3.31 20.32
CA LEU D 55 -13.80 2.55 19.28
C LEU D 55 -14.80 1.78 18.41
N SER D 56 -14.69 1.97 17.09
CA SER D 56 -15.54 1.25 16.12
C SER D 56 -14.67 0.93 14.94
N PHE D 57 -15.25 0.25 14.00
CA PHE D 57 -14.51 -0.18 12.80
C PHE D 57 -15.43 -0.31 11.64
N SER D 58 -14.78 -0.31 10.47
CA SER D 58 -15.43 -0.37 9.19
C SER D 58 -15.57 -1.80 8.67
N LYS D 59 -16.20 -1.92 7.47
CA LYS D 59 -16.43 -3.20 6.90
C LYS D 59 -15.18 -4.07 6.68
N ASP D 60 -14.06 -3.38 6.40
CA ASP D 60 -12.78 -4.08 6.23
C ASP D 60 -12.03 -4.32 7.54
N TRP D 61 -12.70 -4.10 8.68
CA TRP D 61 -12.21 -4.34 10.00
C TRP D 61 -11.28 -3.25 10.55
N SER D 62 -10.98 -2.29 9.71
CA SER D 62 -10.12 -1.22 10.23
C SER D 62 -10.86 -0.26 11.13
N PHE D 63 -10.12 0.25 12.06
CA PHE D 63 -10.70 1.03 13.18
C PHE D 63 -10.80 2.49 12.86
N TYR D 64 -11.67 3.17 13.56
CA TYR D 64 -11.75 4.65 13.44
C TYR D 64 -12.09 5.24 14.79
N LEU D 65 -11.52 6.43 15.03
CA LEU D 65 -11.75 7.20 16.30
C LEU D 65 -11.79 8.71 15.91
N LEU D 66 -12.62 9.42 16.61
CA LEU D 66 -12.62 10.89 16.57
C LEU D 66 -12.16 11.39 17.90
N TYR D 67 -11.12 12.19 17.94
CA TYR D 67 -10.63 12.86 19.11
C TYR D 67 -11.00 14.35 18.98
N TYR D 68 -11.48 14.94 20.06
CA TYR D 68 -12.08 16.27 19.98
C TYR D 68 -11.96 17.03 21.28
N THR D 69 -11.93 18.36 21.15
CA THR D 69 -11.94 19.21 22.28
C THR D 69 -12.59 20.54 21.94
N GLU D 70 -13.27 21.15 22.90
CA GLU D 70 -13.87 22.49 22.71
C GLU D 70 -12.74 23.49 22.60
N PHE D 71 -12.91 24.52 21.75
CA PHE D 71 -11.87 25.55 21.66
C PHE D 71 -12.50 26.77 21.06
N THR D 72 -11.82 27.88 21.28
CA THR D 72 -12.22 29.15 20.68
C THR D 72 -11.00 29.55 19.89
N PRO D 73 -11.00 29.35 18.56
CA PRO D 73 -9.83 29.75 17.80
C PRO D 73 -9.68 31.31 17.74
N THR D 74 -8.45 31.74 17.55
CA THR D 74 -8.02 33.14 17.47
C THR D 74 -7.02 33.25 16.31
N GLU D 75 -6.61 34.48 15.94
CA GLU D 75 -5.69 34.64 14.79
C GLU D 75 -4.30 34.07 15.07
N LYS D 76 -3.83 34.20 16.32
CA LYS D 76 -2.43 33.87 16.65
C LYS D 76 -2.21 32.35 16.90
N ASP D 77 -3.24 31.64 17.34
CA ASP D 77 -3.00 30.31 17.95
C ASP D 77 -2.92 29.28 16.83
N GLU D 78 -2.01 28.32 16.98
CA GLU D 78 -1.83 27.25 16.02
C GLU D 78 -2.21 25.91 16.67
N TYR D 79 -2.94 25.09 15.95
CA TYR D 79 -3.35 23.80 16.51
C TYR D 79 -2.91 22.70 15.59
N ALA D 80 -2.82 21.46 16.15
CA ALA D 80 -2.33 20.31 15.37
C ALA D 80 -2.79 19.04 16.04
N CYS D 81 -2.70 17.93 15.31
CA CYS D 81 -3.02 16.57 15.86
C CYS D 81 -1.73 15.81 15.74
N ARG D 82 -1.30 15.15 16.80
CA ARG D 82 -0.12 14.31 16.76
C ARG D 82 -0.58 12.87 16.95
N VAL D 83 -0.19 11.99 16.05
CA VAL D 83 -0.62 10.60 16.07
C VAL D 83 0.56 9.61 16.08
N ASN D 84 0.56 8.67 16.99
CA ASN D 84 1.50 7.57 17.00
C ASN D 84 0.81 6.19 16.98
N HIS D 85 1.43 5.29 16.21
CA HIS D 85 0.89 3.98 16.02
C HIS D 85 2.06 3.09 15.58
N VAL D 86 1.88 1.79 15.76
CA VAL D 86 2.91 0.87 15.46
C VAL D 86 3.40 1.00 13.99
N THR D 87 2.49 1.35 13.09
CA THR D 87 2.91 1.44 11.69
C THR D 87 3.79 2.62 11.30
N LEU D 88 3.99 3.59 12.22
CA LEU D 88 4.70 4.82 11.93
C LEU D 88 6.06 4.77 12.53
N SER D 89 7.07 5.19 11.76
CA SER D 89 8.44 5.20 12.26
C SER D 89 8.64 6.30 13.28
N GLN D 90 7.84 7.35 13.21
CA GLN D 90 7.81 8.40 14.21
C GLN D 90 6.41 9.01 14.22
N PRO D 91 6.04 9.71 15.28
CA PRO D 91 4.77 10.34 15.30
C PRO D 91 4.54 11.30 14.12
N LYS D 92 3.32 11.29 13.63
CA LYS D 92 2.86 12.16 12.55
C LYS D 92 2.18 13.31 13.23
N ILE D 93 2.55 14.51 12.79
CA ILE D 93 1.84 15.71 13.22
C ILE D 93 1.15 16.34 12.03
N VAL D 94 -0.15 16.50 12.07
CA VAL D 94 -0.86 17.18 11.01
C VAL D 94 -1.40 18.50 11.55
N LYS D 95 -1.16 19.60 10.85
CA LYS D 95 -1.64 20.90 11.33
C LYS D 95 -3.07 21.17 11.04
N TRP D 96 -3.79 21.84 11.91
CA TRP D 96 -5.14 22.33 11.58
C TRP D 96 -4.97 23.48 10.60
N ASP D 97 -5.48 23.31 9.41
CA ASP D 97 -5.48 24.36 8.39
C ASP D 97 -6.95 24.69 8.26
N ARG D 98 -7.33 25.93 8.60
CA ARG D 98 -8.75 26.31 8.59
C ARG D 98 -9.42 26.09 7.20
N ASP D 99 -8.61 26.06 6.17
CA ASP D 99 -9.14 25.90 4.83
C ASP D 99 -9.26 24.42 4.40
N MET D 100 -9.05 23.51 5.30
CA MET D 100 -9.23 22.09 5.03
C MET D 100 -10.08 21.35 6.10
N ALA E 1 22.33 12.72 -16.40
CA ALA E 1 22.41 12.99 -17.88
C ALA E 1 23.50 12.16 -18.52
N ARG E 2 23.27 11.84 -19.77
CA ARG E 2 24.15 10.94 -20.51
C ARG E 2 25.45 11.62 -20.86
N THR E 3 26.49 10.84 -21.06
CA THR E 3 27.72 11.38 -21.57
C THR E 3 27.48 11.71 -23.05
N GLU E 4 28.25 12.66 -23.53
CA GLU E 4 28.45 12.90 -24.97
C GLU E 4 29.33 11.94 -25.63
N LEU E 5 30.10 11.12 -24.94
CA LEU E 5 31.07 10.22 -25.49
C LEU E 5 30.60 8.81 -26.07
N TYR E 6 30.43 8.74 -27.36
CA TYR E 6 29.75 7.63 -27.88
C TYR E 6 30.77 6.51 -28.08
N ARG E 7 30.39 5.35 -27.75
CA ARG E 7 31.18 4.16 -27.87
C ARG E 7 31.21 3.74 -29.29
N SER E 8 32.39 3.63 -29.84
CA SER E 8 32.63 3.13 -31.15
C SER E 8 33.66 2.02 -31.01
N LEU E 9 33.27 0.81 -31.28
CA LEU E 9 34.12 -0.31 -31.03
C LEU E 9 35.14 -0.61 -32.03
N ALA F 1 -31.09 -3.91 20.60
CA ALA F 1 -30.82 -4.84 21.76
C ALA F 1 -29.90 -6.01 21.33
N ARG F 2 -28.98 -6.38 22.18
CA ARG F 2 -28.06 -7.47 21.88
C ARG F 2 -28.73 -8.80 21.89
N THR F 3 -28.18 -9.71 21.11
CA THR F 3 -28.58 -11.11 21.24
C THR F 3 -28.12 -11.67 22.63
N GLU F 4 -28.90 -12.60 23.17
CA GLU F 4 -28.37 -13.42 24.27
C GLU F 4 -27.53 -14.60 23.86
N LEU F 5 -27.33 -14.82 22.58
CA LEU F 5 -26.41 -15.84 22.13
C LEU F 5 -24.90 -15.39 22.27
N TYR F 6 -24.16 -16.01 23.13
CA TYR F 6 -22.77 -15.52 23.24
C TYR F 6 -21.93 -16.37 22.36
N ARG F 7 -20.98 -15.77 21.70
CA ARG F 7 -20.01 -16.52 20.93
C ARG F 7 -19.04 -17.25 21.82
N SER F 8 -18.96 -18.55 21.66
CA SER F 8 -17.94 -19.28 22.31
C SER F 8 -17.21 -20.10 21.20
N LEU F 9 -15.94 -19.88 21.04
CA LEU F 9 -15.19 -20.36 19.86
C LEU F 9 -14.64 -21.73 20.01
#